data_9JUN
#
_entry.id   9JUN
#
_cell.length_a   1.00
_cell.length_b   1.00
_cell.length_c   1.00
_cell.angle_alpha   90.00
_cell.angle_beta   90.00
_cell.angle_gamma   90.00
#
_symmetry.space_group_name_H-M   'P 1'
#
_entity_poly.entity_id   1
_entity_poly.type   'polypeptide(L)'
_entity_poly.pdbx_seq_one_letter_code
;MDYKDDDDKWSHPQFEKGGGGSGGSAWSHPQFEKEFKGLVDMDNDGGAPPPPPTLVVEEPKKAEIRGVAFKELFRFADGL
DYVLMGIGSVGAFVHGCSLPLFLRFFADLVNSFGSNSNNVEKMMEEVLKYALYFLVVGAAIWASSWAEISCWMWSGERQT
TKMRIKYLEAALNQDIQFFDTEVRTSDVVFAINTDAVMVQDAISEKLGNFIHYMATFVSGFIVGFTAVWQLALVTLAVVP
LIAVIGGIHTTTLSKLSNKSQESLSQAGNIVEQTVVQIRVVMAFVGESRASQAYSSALKIAQKLGYKTGLAKGMGLGATY
FVVFCCYALLLWYGGYLVRHHLTNGGLAIATMFAVMIGGLALGQSAPSMAAFAKAKVAAAKIFRIIDHKPTIERNSESGV
ELDSVTGLVELKNVDFSYPSRPDVKILNNFCLSVPAGKTIALVGSSGSGKSTVVSLIERFYDPNSGQVLLDGQDLKTLKL
RWLRQQIGLVSQEPALFATSIKENILLGRPDADQVEIEEAARVANAHSFIIKLPDGFDTQVGERGLQLSGGQKQRIAIAR
AMLKNPAILLLDEATSALDSESEKLVQEALDRFMIGRTTLIIAHRLSTIRKADLVAVLQQGSVSEIGTHDELFSKGENGV
YAKLIKMQEAAHETAMSNARKSSARPSSARNSVSSPIMTRNSSYGRSPYSRRLSDFSTSDFSLSIDASSYPNYRNEKLAF
KDQANSFWRLAKMNSPEWKYALLGSVGSVICGSLSAFFAYVLSAVLSVYYNPDHEYMIKQIDKYCYLLIGLSSAALVFNT
LQHSFWDIVGENLTKRVREKMLSAVLKNEMAWFDQEENESARIAARLALDANNVRSAIGDRISVIVQNTALMLVACTAGF
VLQWRLALVLVAVFPVVVAATVLQKMFMTGFSGDLEAAHAKGTQLAGEAIANVRTVAAFNSEAKIVRLYTANLEPPLKRC
FWKGQIAGSGYGVAQFCLYASYALGLWYASWLVKHGISDFSKTIRVFMVLMVSANGAAETLTLAPDFIKGGQAMRSVFEL
LDRKTEIEPDDPDTTPVPDRLRGEVELKHIDFSYPSRPDIQIFRDLSLRARAGKTLALVGPSGCGKSSVISLIQRFYEPS
SGRVMIDGKDIRKYNLKAIRKHIAIVPQEPCLFGTTIYENIAYGHECATEAEIIQAATLASAHKFISALPEGYKTYVGER
GVQLSGGQKQRIAIARALVRKAEIMLLDEATSALDAESERSVQEALDQACSGRTSIVVAHRLSTIRNAHVIAVIDDGKVA
EQGSHSHLLKNHPDGIYARMIQLQRFTHTQVIGMTSGSSSRVKEDDA
;
_entity_poly.pdbx_strand_id   A
#
# COMPACT_ATOMS: atom_id res chain seq x y z
N GLU A 64 -11.55 27.17 3.56
CA GLU A 64 -10.15 26.81 3.35
C GLU A 64 -9.66 27.31 1.99
N ILE A 65 -8.34 27.40 1.84
CA ILE A 65 -7.76 27.86 0.59
C ILE A 65 -7.94 26.79 -0.48
N ARG A 66 -8.40 27.20 -1.66
CA ARG A 66 -8.64 26.28 -2.76
C ARG A 66 -7.53 26.29 -3.79
N GLY A 67 -6.41 26.96 -3.50
CA GLY A 67 -5.29 26.96 -4.42
C GLY A 67 -4.47 28.22 -4.29
N VAL A 68 -3.35 28.22 -5.01
CA VAL A 68 -2.43 29.35 -5.06
C VAL A 68 -2.08 29.61 -6.52
N ALA A 69 -1.60 30.82 -6.79
CA ALA A 69 -1.22 31.18 -8.14
C ALA A 69 -0.11 30.26 -8.64
N PHE A 70 -0.15 29.98 -9.96
CA PHE A 70 0.80 29.04 -10.53
C PHE A 70 2.23 29.54 -10.38
N LYS A 71 2.47 30.83 -10.60
CA LYS A 71 3.81 31.38 -10.46
C LYS A 71 4.36 31.17 -9.05
N GLU A 72 3.48 31.17 -8.05
CA GLU A 72 3.92 30.95 -6.68
C GLU A 72 4.55 29.58 -6.47
N LEU A 73 4.30 28.63 -7.38
CA LEU A 73 4.96 27.34 -7.29
C LEU A 73 6.46 27.44 -7.51
N PHE A 74 6.93 28.54 -8.11
CA PHE A 74 8.35 28.75 -8.37
C PHE A 74 8.98 29.67 -7.32
N ARG A 75 8.53 29.57 -6.07
CA ARG A 75 9.07 30.40 -5.01
C ARG A 75 10.54 30.06 -4.74
N PHE A 76 10.90 28.79 -4.80
CA PHE A 76 12.23 28.32 -4.43
C PHE A 76 13.14 28.14 -5.63
N ALA A 77 12.97 28.96 -6.67
CA ALA A 77 13.79 28.88 -7.87
C ALA A 77 14.84 29.99 -7.86
N ASP A 78 16.09 29.60 -8.01
CA ASP A 78 17.20 30.54 -8.07
C ASP A 78 17.63 30.72 -9.52
N GLY A 79 18.75 31.42 -9.73
CA GLY A 79 19.22 31.70 -11.07
C GLY A 79 19.52 30.43 -11.87
N LEU A 80 20.15 29.45 -11.22
CA LEU A 80 20.41 28.19 -11.90
C LEU A 80 19.12 27.49 -12.28
N ASP A 81 18.12 27.52 -11.40
CA ASP A 81 16.83 26.93 -11.74
C ASP A 81 16.19 27.67 -12.90
N TYR A 82 16.32 29.01 -12.93
CA TYR A 82 15.73 29.77 -14.02
C TYR A 82 16.39 29.46 -15.35
N VAL A 83 17.72 29.35 -15.38
CA VAL A 83 18.39 29.04 -16.63
C VAL A 83 18.09 27.61 -17.06
N LEU A 84 17.99 26.68 -16.10
CA LEU A 84 17.61 25.31 -16.43
C LEU A 84 16.21 25.26 -17.02
N MET A 85 15.28 26.01 -16.43
CA MET A 85 13.91 26.03 -16.95
C MET A 85 13.86 26.66 -18.33
N GLY A 86 14.66 27.70 -18.57
CA GLY A 86 14.70 28.29 -19.90
C GLY A 86 15.23 27.33 -20.95
N ILE A 87 16.34 26.65 -20.64
CA ILE A 87 16.90 25.68 -21.57
C ILE A 87 15.91 24.54 -21.81
N GLY A 88 15.27 24.06 -20.74
CA GLY A 88 14.29 23.00 -20.89
C GLY A 88 13.10 23.43 -21.72
N SER A 89 12.65 24.67 -21.55
CA SER A 89 11.55 25.18 -22.34
C SER A 89 11.91 25.26 -23.82
N VAL A 90 13.12 25.76 -24.12
CA VAL A 90 13.54 25.83 -25.52
C VAL A 90 13.64 24.43 -26.12
N GLY A 91 14.24 23.50 -25.38
CA GLY A 91 14.36 22.13 -25.86
C GLY A 91 13.01 21.48 -26.08
N ALA A 92 12.08 21.69 -25.15
CA ALA A 92 10.74 21.13 -25.28
C ALA A 92 10.03 21.71 -26.50
N PHE A 93 10.15 23.02 -26.71
CA PHE A 93 9.50 23.63 -27.86
C PHE A 93 10.06 23.08 -29.17
N VAL A 94 11.38 22.97 -29.27
CA VAL A 94 11.97 22.45 -30.50
C VAL A 94 11.60 20.98 -30.71
N HIS A 95 11.64 20.19 -29.65
CA HIS A 95 11.27 18.78 -29.76
C HIS A 95 9.82 18.62 -30.18
N GLY A 96 8.94 19.48 -29.66
CA GLY A 96 7.54 19.44 -30.07
C GLY A 96 7.35 19.82 -31.53
N CYS A 97 8.04 20.87 -31.97
CA CYS A 97 7.89 21.33 -33.35
C CYS A 97 8.58 20.40 -34.34
N SER A 98 9.46 19.51 -33.88
CA SER A 98 10.25 18.70 -34.79
C SER A 98 9.37 17.74 -35.60
N LEU A 99 8.42 17.06 -34.95
CA LEU A 99 7.68 16.00 -35.63
C LEU A 99 6.88 16.50 -36.83
N PRO A 100 6.08 17.57 -36.73
CA PRO A 100 5.45 18.10 -37.95
C PRO A 100 6.45 18.56 -39.00
N LEU A 101 7.61 19.08 -38.57
CA LEU A 101 8.65 19.42 -39.52
C LEU A 101 9.16 18.19 -40.23
N PHE A 102 9.33 17.07 -39.50
CA PHE A 102 9.70 15.82 -40.14
C PHE A 102 8.63 15.36 -41.12
N LEU A 103 7.36 15.56 -40.77
CA LEU A 103 6.30 15.18 -41.70
C LEU A 103 6.37 16.00 -42.98
N ARG A 104 6.63 17.30 -42.85
CA ARG A 104 6.79 18.14 -44.04
C ARG A 104 7.97 17.68 -44.89
N PHE A 105 9.10 17.37 -44.25
CA PHE A 105 10.26 16.91 -45.01
C PHE A 105 10.01 15.56 -45.66
N PHE A 106 9.28 14.68 -44.99
CA PHE A 106 8.91 13.39 -45.58
C PHE A 106 8.00 13.60 -46.79
N ALA A 107 7.06 14.54 -46.69
CA ALA A 107 6.21 14.85 -47.83
C ALA A 107 7.02 15.36 -49.00
N ASP A 108 7.97 16.26 -48.74
CA ASP A 108 8.81 16.78 -49.81
C ASP A 108 9.67 15.69 -50.43
N LEU A 109 10.22 14.81 -49.60
CA LEU A 109 11.01 13.69 -50.12
C LEU A 109 10.17 12.80 -51.00
N VAL A 110 8.95 12.47 -50.56
CA VAL A 110 8.08 11.60 -51.34
C VAL A 110 7.68 12.27 -52.65
N ASN A 111 7.40 13.57 -52.60
CA ASN A 111 7.06 14.29 -53.83
C ASN A 111 8.22 14.27 -54.82
N SER A 112 9.44 14.51 -54.34
CA SER A 112 10.59 14.53 -55.24
C SER A 112 10.93 13.13 -55.73
N PHE A 113 10.61 12.10 -54.96
CA PHE A 113 10.92 10.73 -55.34
C PHE A 113 9.87 10.14 -56.28
N GLY A 114 8.64 10.63 -56.23
CA GLY A 114 7.59 10.10 -57.08
C GLY A 114 7.32 10.94 -58.33
N SER A 115 7.58 12.24 -58.25
CA SER A 115 7.32 13.12 -59.38
C SER A 115 8.47 13.17 -60.36
N ASN A 116 9.58 12.49 -60.08
CA ASN A 116 10.75 12.49 -60.94
C ASN A 116 11.11 11.08 -61.40
N SER A 117 10.11 10.29 -61.78
CA SER A 117 10.39 8.98 -62.35
C SER A 117 11.04 9.08 -63.72
N ASN A 118 10.69 10.10 -64.50
CA ASN A 118 11.29 10.28 -65.81
C ASN A 118 12.76 10.68 -65.71
N ASN A 119 13.11 11.49 -64.72
CA ASN A 119 14.48 11.97 -64.53
C ASN A 119 15.02 11.36 -63.24
N VAL A 120 15.77 10.27 -63.38
CA VAL A 120 16.28 9.57 -62.19
C VAL A 120 17.34 10.41 -61.49
N GLU A 121 18.11 11.20 -62.23
CA GLU A 121 19.18 12.00 -61.64
C GLU A 121 18.62 12.98 -60.61
N LYS A 122 17.82 13.94 -61.08
CA LYS A 122 17.26 14.95 -60.20
C LYS A 122 16.54 14.30 -59.02
N MET A 123 15.86 13.18 -59.26
CA MET A 123 15.26 12.42 -58.17
C MET A 123 16.31 12.03 -57.14
N MET A 124 17.47 11.54 -57.60
CA MET A 124 18.50 11.11 -56.68
C MET A 124 19.06 12.27 -55.86
N GLU A 125 19.35 13.41 -56.51
CA GLU A 125 19.85 14.54 -55.73
C GLU A 125 18.81 15.05 -54.73
N GLU A 126 17.55 15.13 -55.13
CA GLU A 126 16.53 15.60 -54.20
C GLU A 126 16.37 14.63 -53.02
N VAL A 127 16.40 13.33 -53.29
CA VAL A 127 16.26 12.35 -52.21
C VAL A 127 17.45 12.43 -51.27
N LEU A 128 18.66 12.62 -51.80
CA LEU A 128 19.82 12.78 -50.94
C LEU A 128 19.70 14.04 -50.09
N LYS A 129 19.23 15.13 -50.68
CA LYS A 129 19.06 16.38 -49.94
C LYS A 129 18.08 16.19 -48.79
N TYR A 130 16.95 15.54 -49.05
CA TYR A 130 15.96 15.38 -47.99
C TYR A 130 16.36 14.31 -46.98
N ALA A 131 17.21 13.34 -47.35
CA ALA A 131 17.78 12.46 -46.36
C ALA A 131 18.72 13.19 -45.43
N LEU A 132 19.51 14.14 -45.97
CA LEU A 132 20.33 14.98 -45.12
C LEU A 132 19.47 15.84 -44.21
N TYR A 133 18.33 16.32 -44.73
CA TYR A 133 17.37 17.04 -43.88
C TYR A 133 16.86 16.14 -42.76
N PHE A 134 16.60 14.87 -43.06
CA PHE A 134 16.18 13.93 -42.03
C PHE A 134 17.25 13.77 -40.96
N LEU A 135 18.52 13.68 -41.37
CA LEU A 135 19.60 13.57 -40.40
C LEU A 135 19.67 14.82 -39.53
N VAL A 136 19.49 16.00 -40.14
CA VAL A 136 19.51 17.24 -39.36
C VAL A 136 18.37 17.26 -38.35
N VAL A 137 17.17 16.82 -38.77
CA VAL A 137 16.04 16.76 -37.85
C VAL A 137 16.32 15.79 -36.72
N GLY A 138 16.96 14.66 -37.02
CA GLY A 138 17.31 13.71 -35.98
C GLY A 138 18.28 14.30 -34.97
N ALA A 139 19.29 15.01 -35.45
CA ALA A 139 20.24 15.66 -34.54
C ALA A 139 19.55 16.71 -33.67
N ALA A 140 18.67 17.51 -34.27
CA ALA A 140 17.93 18.50 -33.51
C ALA A 140 17.05 17.85 -32.46
N ILE A 141 16.40 16.73 -32.80
CA ILE A 141 15.57 16.01 -31.85
C ILE A 141 16.44 15.50 -30.70
N TRP A 142 17.60 14.94 -31.02
CA TRP A 142 18.52 14.47 -29.99
C TRP A 142 18.85 15.60 -29.01
N ALA A 143 19.30 16.74 -29.52
CA ALA A 143 19.70 17.84 -28.66
C ALA A 143 18.53 18.34 -27.83
N SER A 144 17.37 18.52 -28.46
CA SER A 144 16.22 19.09 -27.78
C SER A 144 15.68 18.17 -26.69
N SER A 145 15.56 16.88 -27.00
CA SER A 145 15.06 15.93 -26.01
C SER A 145 16.03 15.81 -24.84
N TRP A 146 17.33 15.73 -25.11
CA TRP A 146 18.31 15.71 -24.04
C TRP A 146 18.15 16.93 -23.14
N ALA A 147 18.12 18.12 -23.74
CA ALA A 147 18.03 19.35 -22.97
C ALA A 147 16.76 19.37 -22.12
N GLU A 148 15.61 19.12 -22.74
CA GLU A 148 14.36 19.22 -22.01
C GLU A 148 14.32 18.23 -20.86
N ILE A 149 14.62 16.96 -21.12
CA ILE A 149 14.50 15.94 -20.08
C ILE A 149 15.43 16.26 -18.92
N SER A 150 16.71 16.45 -19.21
CA SER A 150 17.68 16.64 -18.15
C SER A 150 17.38 17.91 -17.35
N CYS A 151 17.20 19.04 -18.06
CA CYS A 151 17.01 20.32 -17.38
C CYS A 151 15.74 20.32 -16.55
N TRP A 152 14.63 19.85 -17.12
CA TRP A 152 13.37 19.88 -16.39
C TRP A 152 13.45 18.99 -15.15
N MET A 153 13.96 17.77 -15.30
CA MET A 153 14.04 16.86 -14.16
C MET A 153 14.91 17.44 -13.05
N TRP A 154 16.10 17.93 -13.41
CA TRP A 154 17.02 18.42 -12.38
C TRP A 154 16.49 19.68 -11.71
N SER A 155 15.91 20.61 -12.48
CA SER A 155 15.39 21.83 -11.88
C SER A 155 14.24 21.52 -10.93
N GLY A 156 13.32 20.64 -11.34
CA GLY A 156 12.25 20.24 -10.44
C GLY A 156 12.77 19.62 -9.17
N GLU A 157 13.76 18.72 -9.29
CA GLU A 157 14.31 18.10 -8.10
C GLU A 157 14.94 19.12 -7.16
N ARG A 158 15.71 20.07 -7.72
CA ARG A 158 16.36 21.07 -6.88
C ARG A 158 15.34 21.94 -6.15
N GLN A 159 14.35 22.44 -6.88
CA GLN A 159 13.34 23.29 -6.26
C GLN A 159 12.58 22.54 -5.17
N THR A 160 12.19 21.28 -5.44
CA THR A 160 11.41 20.54 -4.47
C THR A 160 12.24 20.16 -3.25
N THR A 161 13.53 19.87 -3.43
CA THR A 161 14.38 19.60 -2.27
C THR A 161 14.53 20.84 -1.40
N LYS A 162 14.73 22.01 -2.02
CA LYS A 162 14.83 23.24 -1.24
C LYS A 162 13.54 23.49 -0.47
N MET A 163 12.39 23.31 -1.13
CA MET A 163 11.13 23.55 -0.44
C MET A 163 10.85 22.51 0.63
N ARG A 164 11.27 21.26 0.44
CA ARG A 164 11.13 20.26 1.49
C ARG A 164 11.94 20.65 2.72
N ILE A 165 13.17 21.11 2.51
CA ILE A 165 14.01 21.52 3.64
C ILE A 165 13.38 22.68 4.38
N LYS A 166 12.92 23.69 3.62
CA LYS A 166 12.28 24.84 4.26
C LYS A 166 11.01 24.44 5.01
N TYR A 167 10.23 23.52 4.43
CA TYR A 167 9.00 23.07 5.07
C TYR A 167 9.29 22.36 6.38
N LEU A 168 10.29 21.47 6.38
CA LEU A 168 10.62 20.77 7.63
C LEU A 168 11.12 21.74 8.68
N GLU A 169 11.95 22.70 8.27
CA GLU A 169 12.45 23.69 9.23
C GLU A 169 11.31 24.50 9.83
N ALA A 170 10.39 24.95 8.99
CA ALA A 170 9.25 25.73 9.48
C ALA A 170 8.37 24.90 10.39
N ALA A 171 8.12 23.64 10.03
CA ALA A 171 7.28 22.79 10.85
C ALA A 171 7.90 22.54 12.22
N LEU A 172 9.20 22.29 12.26
CA LEU A 172 9.86 22.07 13.55
C LEU A 172 9.97 23.36 14.35
N ASN A 173 9.95 24.52 13.68
CA ASN A 173 10.00 25.78 14.40
C ASN A 173 8.66 26.19 14.98
N GLN A 174 7.59 25.46 14.69
CA GLN A 174 6.26 25.82 15.18
C GLN A 174 6.10 25.39 16.64
N ASP A 175 5.02 25.87 17.25
CA ASP A 175 4.69 25.51 18.61
C ASP A 175 3.91 24.19 18.64
N ILE A 176 3.84 23.59 19.83
CA ILE A 176 3.08 22.36 19.99
C ILE A 176 1.59 22.64 19.86
N GLN A 177 1.14 23.78 20.37
CA GLN A 177 -0.27 24.16 20.21
C GLN A 177 -0.66 24.29 18.74
N PHE A 178 0.30 24.59 17.86
CA PHE A 178 0.02 24.60 16.42
C PHE A 178 -0.42 23.22 15.94
N PHE A 179 0.30 22.18 16.36
CA PHE A 179 -0.09 20.82 16.00
C PHE A 179 -1.33 20.37 16.78
N ASP A 180 -1.59 20.99 17.92
CA ASP A 180 -2.77 20.61 18.72
C ASP A 180 -4.06 21.18 18.13
N THR A 181 -4.02 22.39 17.55
CA THR A 181 -5.23 23.10 17.16
C THR A 181 -5.38 23.25 15.65
N GLU A 182 -4.41 23.87 14.97
CA GLU A 182 -4.59 24.18 13.56
C GLU A 182 -4.50 22.93 12.69
N VAL A 183 -3.34 22.28 12.67
CA VAL A 183 -3.09 21.18 11.75
C VAL A 183 -2.60 19.97 12.54
N ARG A 184 -3.19 18.81 12.29
CA ARG A 184 -2.77 17.59 12.94
C ARG A 184 -1.36 17.19 12.50
N THR A 185 -0.66 16.48 13.38
CA THR A 185 0.69 16.03 13.05
C THR A 185 0.68 15.06 11.88
N SER A 186 -0.35 14.22 11.79
CA SER A 186 -0.43 13.26 10.69
C SER A 186 -0.53 13.98 9.35
N ASP A 187 -1.28 15.08 9.29
CA ASP A 187 -1.37 15.86 8.06
C ASP A 187 -0.01 16.46 7.71
N VAL A 188 0.73 16.95 8.70
CA VAL A 188 2.05 17.51 8.45
C VAL A 188 2.98 16.43 7.90
N VAL A 189 2.94 15.23 8.47
CA VAL A 189 3.76 14.14 7.96
C VAL A 189 3.36 13.75 6.55
N PHE A 190 2.05 13.67 6.27
CA PHE A 190 1.58 13.33 4.94
C PHE A 190 1.88 14.42 3.92
N ALA A 191 2.15 15.65 4.37
CA ALA A 191 2.44 16.74 3.45
C ALA A 191 3.72 16.46 2.66
N ILE A 192 4.68 15.75 3.24
CA ILE A 192 5.90 15.42 2.51
C ILE A 192 5.57 14.56 1.29
N ASN A 193 4.76 13.52 1.50
CA ASN A 193 4.40 12.64 0.40
C ASN A 193 3.50 13.34 -0.61
N THR A 194 2.55 14.15 -0.16
CA THR A 194 1.70 14.84 -1.11
C THR A 194 2.50 15.84 -1.94
N ASP A 195 3.51 16.48 -1.32
CA ASP A 195 4.44 17.31 -2.07
C ASP A 195 5.16 16.49 -3.14
N ALA A 196 5.76 15.38 -2.73
CA ALA A 196 6.49 14.55 -3.69
C ALA A 196 5.61 14.15 -4.86
N VAL A 197 4.35 13.82 -4.58
CA VAL A 197 3.47 13.33 -5.64
C VAL A 197 3.08 14.46 -6.59
N MET A 198 2.63 15.59 -6.06
CA MET A 198 2.12 16.65 -6.94
C MET A 198 3.13 17.75 -7.26
N VAL A 199 3.67 18.43 -6.24
CA VAL A 199 4.43 19.65 -6.52
C VAL A 199 5.73 19.32 -7.23
N GLN A 200 6.41 18.26 -6.79
CA GLN A 200 7.63 17.83 -7.46
C GLN A 200 7.37 17.45 -8.91
N ASP A 201 6.29 16.73 -9.16
CA ASP A 201 6.01 16.18 -10.48
C ASP A 201 5.49 17.21 -11.48
N ALA A 202 4.69 18.18 -11.04
CA ALA A 202 4.10 19.13 -11.98
C ALA A 202 5.16 20.06 -12.55
N ILE A 203 6.07 20.57 -11.70
CA ILE A 203 7.06 21.54 -12.18
C ILE A 203 8.26 20.88 -12.83
N SER A 204 8.41 19.57 -12.70
CA SER A 204 9.56 18.90 -13.31
C SER A 204 9.22 18.34 -14.70
N GLU A 205 8.30 17.39 -14.75
CA GLU A 205 7.99 16.70 -16.01
C GLU A 205 6.72 17.17 -16.67
N LYS A 206 5.67 17.47 -15.88
CA LYS A 206 4.39 17.84 -16.48
C LYS A 206 4.48 19.18 -17.19
N LEU A 207 5.28 20.12 -16.66
CA LEU A 207 5.40 21.42 -17.31
C LEU A 207 6.14 21.30 -18.64
N GLY A 208 7.25 20.56 -18.66
CA GLY A 208 7.96 20.34 -19.90
C GLY A 208 7.13 19.59 -20.92
N ASN A 209 6.39 18.57 -20.45
CA ASN A 209 5.49 17.85 -21.35
C ASN A 209 4.40 18.77 -21.90
N PHE A 210 3.88 19.66 -21.05
CA PHE A 210 2.85 20.59 -21.52
C PHE A 210 3.40 21.51 -22.60
N ILE A 211 4.60 22.04 -22.38
CA ILE A 211 5.22 22.90 -23.41
C ILE A 211 5.44 22.12 -24.69
N HIS A 212 5.96 20.89 -24.55
CA HIS A 212 6.26 20.06 -25.73
C HIS A 212 4.99 19.75 -26.52
N TYR A 213 3.90 19.44 -25.83
CA TYR A 213 2.67 19.08 -26.51
C TYR A 213 1.95 20.30 -27.09
N MET A 214 2.03 21.45 -26.43
CA MET A 214 1.54 22.68 -27.05
C MET A 214 2.32 22.99 -28.32
N ALA A 215 3.64 22.84 -28.28
CA ALA A 215 4.44 23.06 -29.47
C ALA A 215 4.08 22.08 -30.58
N THR A 216 3.89 20.80 -30.22
CA THR A 216 3.51 19.81 -31.22
C THR A 216 2.17 20.16 -31.85
N PHE A 217 1.18 20.53 -31.04
CA PHE A 217 -0.14 20.85 -31.56
C PHE A 217 -0.08 22.06 -32.48
N VAL A 218 0.57 23.13 -32.04
CA VAL A 218 0.63 24.36 -32.84
C VAL A 218 1.38 24.11 -34.14
N SER A 219 2.54 23.44 -34.05
CA SER A 219 3.34 23.19 -35.25
C SER A 219 2.60 22.27 -36.22
N GLY A 220 1.92 21.25 -35.71
CA GLY A 220 1.16 20.38 -36.59
C GLY A 220 0.03 21.10 -37.30
N PHE A 221 -0.70 21.95 -36.57
CA PHE A 221 -1.77 22.71 -37.22
C PHE A 221 -1.21 23.67 -38.26
N ILE A 222 -0.09 24.33 -37.95
CA ILE A 222 0.51 25.25 -38.90
C ILE A 222 0.97 24.52 -40.15
N VAL A 223 1.64 23.39 -39.98
CA VAL A 223 2.13 22.62 -41.12
C VAL A 223 0.96 22.13 -41.96
N GLY A 224 -0.08 21.61 -41.32
CA GLY A 224 -1.22 21.11 -42.06
C GLY A 224 -1.93 22.20 -42.84
N PHE A 225 -2.13 23.36 -42.22
CA PHE A 225 -2.85 24.43 -42.89
C PHE A 225 -2.00 25.19 -43.90
N THR A 226 -0.68 25.07 -43.83
CA THR A 226 0.17 25.67 -44.84
C THR A 226 0.33 24.76 -46.04
N ALA A 227 0.40 23.44 -45.80
CA ALA A 227 0.51 22.49 -46.90
C ALA A 227 -0.73 22.52 -47.78
N VAL A 228 -1.87 22.10 -47.23
CA VAL A 228 -3.15 22.07 -47.95
C VAL A 228 -4.22 22.48 -46.96
N TRP A 229 -4.80 23.67 -47.15
CA TRP A 229 -5.73 24.19 -46.15
C TRP A 229 -7.08 23.49 -46.20
N GLN A 230 -7.54 23.08 -47.39
CA GLN A 230 -8.84 22.41 -47.49
C GLN A 230 -8.82 21.06 -46.78
N LEU A 231 -7.83 20.23 -47.09
CA LEU A 231 -7.75 18.91 -46.49
C LEU A 231 -7.44 19.01 -45.00
N ALA A 232 -6.64 20.02 -44.61
CA ALA A 232 -6.41 20.25 -43.19
C ALA A 232 -7.70 20.62 -42.48
N LEU A 233 -8.54 21.45 -43.11
CA LEU A 233 -9.82 21.81 -42.52
C LEU A 233 -10.72 20.58 -42.38
N VAL A 234 -10.72 19.71 -43.39
CA VAL A 234 -11.54 18.50 -43.32
C VAL A 234 -11.05 17.61 -42.18
N THR A 235 -9.73 17.43 -42.05
CA THR A 235 -9.20 16.62 -40.96
C THR A 235 -9.50 17.25 -39.60
N LEU A 236 -9.47 18.59 -39.53
CA LEU A 236 -9.83 19.28 -38.31
C LEU A 236 -11.28 19.00 -37.92
N ALA A 237 -12.17 18.98 -38.91
CA ALA A 237 -13.55 18.59 -38.63
C ALA A 237 -13.65 17.12 -38.20
N VAL A 238 -12.78 16.27 -38.75
CA VAL A 238 -12.80 14.85 -38.41
C VAL A 238 -12.40 14.62 -36.95
N VAL A 239 -11.38 15.33 -36.47
CA VAL A 239 -10.76 15.05 -35.17
C VAL A 239 -11.77 14.96 -34.02
N PRO A 240 -12.76 15.87 -33.91
CA PRO A 240 -13.72 15.74 -32.80
C PRO A 240 -14.47 14.42 -32.77
N LEU A 241 -14.68 13.78 -33.92
CA LEU A 241 -15.36 12.48 -33.92
C LEU A 241 -14.55 11.45 -33.13
N ILE A 242 -13.26 11.33 -33.45
CA ILE A 242 -12.40 10.39 -32.73
C ILE A 242 -12.30 10.79 -31.27
N ALA A 243 -12.21 12.09 -31.00
CA ALA A 243 -12.14 12.55 -29.61
C ALA A 243 -13.38 12.13 -28.82
N VAL A 244 -14.56 12.30 -29.40
CA VAL A 244 -15.80 11.96 -28.72
C VAL A 244 -15.89 10.46 -28.51
N ILE A 245 -15.54 9.67 -29.53
CA ILE A 245 -15.61 8.21 -29.40
C ILE A 245 -14.67 7.75 -28.30
N GLY A 246 -13.44 8.28 -28.27
CA GLY A 246 -12.51 7.91 -27.23
C GLY A 246 -12.98 8.31 -25.85
N GLY A 247 -13.55 9.52 -25.73
CA GLY A 247 -14.05 9.95 -24.44
C GLY A 247 -15.18 9.08 -23.93
N ILE A 248 -16.13 8.73 -24.80
CA ILE A 248 -17.22 7.85 -24.40
C ILE A 248 -16.68 6.49 -23.97
N HIS A 249 -15.74 5.95 -24.74
CA HIS A 249 -15.16 4.66 -24.39
C HIS A 249 -14.48 4.71 -23.03
N THR A 250 -13.68 5.76 -22.79
CA THR A 250 -12.97 5.87 -21.52
C THR A 250 -13.94 6.02 -20.36
N THR A 251 -14.99 6.84 -20.51
CA THR A 251 -15.94 7.02 -19.41
C THR A 251 -16.68 5.73 -19.10
N THR A 252 -17.14 5.03 -20.14
CA THR A 252 -17.86 3.77 -19.90
C THR A 252 -16.94 2.74 -19.27
N LEU A 253 -15.70 2.63 -19.76
CA LEU A 253 -14.77 1.67 -19.18
C LEU A 253 -14.44 2.01 -17.73
N SER A 254 -14.30 3.31 -17.42
CA SER A 254 -14.01 3.70 -16.05
C SER A 254 -15.17 3.37 -15.12
N LYS A 255 -16.41 3.64 -15.55
CA LYS A 255 -17.55 3.30 -14.71
C LYS A 255 -17.65 1.80 -14.47
N LEU A 256 -17.49 1.01 -15.55
CA LEU A 256 -17.59 -0.44 -15.41
C LEU A 256 -16.45 -0.98 -14.54
N SER A 257 -15.25 -0.44 -14.69
CA SER A 257 -14.13 -0.87 -13.86
C SER A 257 -14.34 -0.48 -12.40
N ASN A 258 -14.97 0.67 -12.15
CA ASN A 258 -15.30 1.05 -10.78
C ASN A 258 -16.26 0.04 -10.16
N LYS A 259 -17.29 -0.35 -10.91
CA LYS A 259 -18.23 -1.35 -10.40
C LYS A 259 -17.52 -2.69 -10.15
N SER A 260 -16.67 -3.11 -11.09
CA SER A 260 -15.94 -4.36 -10.92
C SER A 260 -15.00 -4.30 -9.71
N GLN A 261 -14.37 -3.15 -9.49
CA GLN A 261 -13.50 -2.99 -8.33
C GLN A 261 -14.28 -3.06 -7.04
N GLU A 262 -15.50 -2.50 -7.03
CA GLU A 262 -16.35 -2.62 -5.85
C GLU A 262 -16.71 -4.07 -5.58
N SER A 263 -17.05 -4.83 -6.62
CA SER A 263 -17.36 -6.24 -6.43
C SER A 263 -16.14 -7.02 -5.92
N LEU A 264 -14.98 -6.74 -6.49
CA LEU A 264 -13.75 -7.39 -6.02
C LEU A 264 -13.43 -7.00 -4.59
N SER A 265 -13.73 -5.76 -4.19
CA SER A 265 -13.54 -5.35 -2.81
C SER A 265 -14.47 -6.12 -1.88
N GLN A 266 -15.71 -6.36 -2.31
CA GLN A 266 -16.61 -7.19 -1.51
C GLN A 266 -16.07 -8.60 -1.35
N ALA A 267 -15.55 -9.19 -2.44
CA ALA A 267 -14.97 -10.52 -2.35
C ALA A 267 -13.75 -10.54 -1.43
N GLY A 268 -12.91 -9.51 -1.52
CA GLY A 268 -11.77 -9.40 -0.62
C GLY A 268 -12.19 -9.23 0.82
N ASN A 269 -13.30 -8.52 1.07
CA ASN A 269 -13.84 -8.42 2.41
C ASN A 269 -14.29 -9.78 2.92
N ILE A 270 -14.90 -10.59 2.04
CA ILE A 270 -15.28 -11.95 2.43
C ILE A 270 -14.06 -12.75 2.83
N VAL A 271 -12.99 -12.68 2.03
CA VAL A 271 -11.76 -13.38 2.37
C VAL A 271 -11.20 -12.87 3.69
N GLU A 272 -11.21 -11.55 3.88
CA GLU A 272 -10.70 -10.95 5.11
C GLU A 272 -11.44 -11.49 6.33
N GLN A 273 -12.78 -11.48 6.26
CA GLN A 273 -13.57 -11.92 7.40
C GLN A 273 -13.44 -13.41 7.64
N THR A 274 -13.22 -14.20 6.59
CA THR A 274 -13.08 -15.64 6.81
C THR A 274 -11.67 -16.05 7.22
N VAL A 275 -10.67 -15.17 7.04
CA VAL A 275 -9.32 -15.53 7.45
C VAL A 275 -8.96 -14.94 8.80
N VAL A 276 -9.46 -13.74 9.13
CA VAL A 276 -9.15 -13.15 10.42
C VAL A 276 -9.78 -13.94 11.55
N GLN A 277 -10.85 -14.68 11.26
CA GLN A 277 -11.65 -15.37 12.25
C GLN A 277 -11.69 -16.86 11.94
N ILE A 278 -10.52 -17.42 11.62
CA ILE A 278 -10.40 -18.81 11.22
C ILE A 278 -10.66 -19.77 12.38
N ARG A 279 -10.54 -19.29 13.61
CA ARG A 279 -10.71 -20.16 14.78
C ARG A 279 -12.05 -20.88 14.75
N VAL A 280 -13.13 -20.13 14.50
CA VAL A 280 -14.46 -20.71 14.47
C VAL A 280 -14.79 -21.31 13.11
N VAL A 281 -14.26 -20.74 12.02
CA VAL A 281 -14.52 -21.26 10.68
C VAL A 281 -14.01 -22.70 10.56
N MET A 282 -12.78 -22.94 11.00
CA MET A 282 -12.25 -24.30 10.96
C MET A 282 -12.96 -25.20 11.95
N ALA A 283 -13.32 -24.68 13.13
CA ALA A 283 -13.91 -25.51 14.16
C ALA A 283 -15.30 -26.00 13.76
N PHE A 284 -16.08 -25.17 13.07
CA PHE A 284 -17.44 -25.52 12.66
C PHE A 284 -17.50 -25.93 11.19
N VAL A 285 -16.44 -26.58 10.70
CA VAL A 285 -16.28 -27.03 9.31
C VAL A 285 -17.00 -26.12 8.32
N GLY A 286 -16.76 -24.82 8.44
CA GLY A 286 -17.42 -23.85 7.59
C GLY A 286 -16.61 -23.40 6.39
N GLU A 287 -15.56 -24.16 6.05
CA GLU A 287 -14.75 -23.80 4.89
C GLU A 287 -15.55 -23.90 3.60
N SER A 288 -16.42 -24.91 3.49
CA SER A 288 -17.23 -25.08 2.29
C SER A 288 -18.17 -23.90 2.09
N ARG A 289 -18.80 -23.43 3.17
CA ARG A 289 -19.71 -22.28 3.05
C ARG A 289 -18.94 -21.02 2.65
N ALA A 290 -17.75 -20.83 3.22
CA ALA A 290 -16.93 -19.68 2.83
C ALA A 290 -16.54 -19.76 1.36
N SER A 291 -16.16 -20.95 0.90
CA SER A 291 -15.83 -21.12 -0.51
C SER A 291 -17.03 -20.83 -1.41
N GLN A 292 -18.22 -21.28 -1.00
CA GLN A 292 -19.42 -21.02 -1.79
C GLN A 292 -19.74 -19.53 -1.85
N ALA A 293 -19.64 -18.83 -0.71
CA ALA A 293 -19.91 -17.39 -0.71
C ALA A 293 -18.89 -16.66 -1.57
N TYR A 294 -17.62 -17.05 -1.47
CA TYR A 294 -16.59 -16.41 -2.29
C TYR A 294 -16.83 -16.70 -3.77
N SER A 295 -17.29 -17.91 -4.10
CA SER A 295 -17.59 -18.24 -5.48
C SER A 295 -18.75 -17.40 -6.01
N SER A 296 -19.77 -17.17 -5.18
CA SER A 296 -20.88 -16.32 -5.62
C SER A 296 -20.42 -14.88 -5.86
N ALA A 297 -19.61 -14.34 -4.94
CA ALA A 297 -19.08 -12.99 -5.13
C ALA A 297 -18.23 -12.93 -6.39
N LEU A 298 -17.45 -13.98 -6.64
CA LEU A 298 -16.62 -14.02 -7.84
C LEU A 298 -17.47 -14.15 -9.10
N LYS A 299 -18.62 -14.83 -9.02
CA LYS A 299 -19.53 -14.85 -10.17
C LYS A 299 -20.05 -13.46 -10.48
N ILE A 300 -20.41 -12.70 -9.44
CA ILE A 300 -20.85 -11.33 -9.67
C ILE A 300 -19.73 -10.51 -10.32
N ALA A 301 -18.52 -10.61 -9.76
CA ALA A 301 -17.39 -9.87 -10.32
C ALA A 301 -17.06 -10.35 -11.73
N GLN A 302 -17.31 -11.62 -12.04
CA GLN A 302 -17.01 -12.16 -13.36
C GLN A 302 -17.99 -11.65 -14.40
N LYS A 303 -19.28 -11.58 -14.04
CA LYS A 303 -20.24 -10.95 -14.95
C LYS A 303 -19.89 -9.49 -15.20
N LEU A 304 -19.49 -8.77 -14.14
CA LEU A 304 -19.08 -7.39 -14.33
C LEU A 304 -17.85 -7.30 -15.22
N GLY A 305 -16.90 -8.21 -15.06
CA GLY A 305 -15.72 -8.22 -15.92
C GLY A 305 -16.05 -8.54 -17.36
N TYR A 306 -17.02 -9.43 -17.59
CA TYR A 306 -17.49 -9.69 -18.94
C TYR A 306 -18.05 -8.42 -19.56
N LYS A 307 -18.84 -7.67 -18.79
CA LYS A 307 -19.37 -6.41 -19.31
C LYS A 307 -18.25 -5.42 -19.61
N THR A 308 -17.24 -5.34 -18.74
CA THR A 308 -16.11 -4.46 -19.00
C THR A 308 -15.38 -4.84 -20.27
N GLY A 309 -15.15 -6.13 -20.48
CA GLY A 309 -14.47 -6.57 -21.69
C GLY A 309 -15.27 -6.28 -22.94
N LEU A 310 -16.59 -6.50 -22.88
CA LEU A 310 -17.43 -6.18 -24.03
C LEU A 310 -17.39 -4.69 -24.34
N ALA A 311 -17.44 -3.85 -23.30
CA ALA A 311 -17.39 -2.41 -23.52
C ALA A 311 -16.06 -1.98 -24.11
N LYS A 312 -14.95 -2.55 -23.63
CA LYS A 312 -13.64 -2.22 -24.16
C LYS A 312 -13.53 -2.63 -25.63
N GLY A 313 -13.99 -3.84 -25.95
CA GLY A 313 -13.97 -4.28 -27.33
C GLY A 313 -14.80 -3.39 -28.24
N MET A 314 -15.99 -3.01 -27.77
CA MET A 314 -16.84 -2.12 -28.56
C MET A 314 -16.17 -0.76 -28.76
N GLY A 315 -15.52 -0.24 -27.72
CA GLY A 315 -14.86 1.05 -27.86
C GLY A 315 -13.72 1.02 -28.86
N LEU A 316 -12.86 0.00 -28.76
CA LEU A 316 -11.77 -0.12 -29.73
C LEU A 316 -12.30 -0.33 -31.15
N GLY A 317 -13.35 -1.15 -31.30
CA GLY A 317 -13.91 -1.35 -32.61
C GLY A 317 -14.50 -0.07 -33.20
N ALA A 318 -15.21 0.70 -32.38
CA ALA A 318 -15.76 1.96 -32.86
C ALA A 318 -14.65 2.94 -33.23
N THR A 319 -13.58 2.99 -32.44
CA THR A 319 -12.47 3.86 -32.76
C THR A 319 -11.85 3.48 -34.11
N TYR A 320 -11.60 2.18 -34.31
CA TYR A 320 -11.03 1.73 -35.57
C TYR A 320 -11.96 2.01 -36.74
N PHE A 321 -13.26 1.78 -36.56
CA PHE A 321 -14.23 2.02 -37.62
C PHE A 321 -14.24 3.50 -38.02
N VAL A 322 -14.31 4.39 -37.03
CA VAL A 322 -14.33 5.81 -37.32
C VAL A 322 -13.04 6.24 -38.01
N VAL A 323 -11.90 5.77 -37.49
CA VAL A 323 -10.61 6.15 -38.07
C VAL A 323 -10.54 5.72 -39.52
N PHE A 324 -10.91 4.47 -39.81
CA PHE A 324 -10.80 3.96 -41.17
C PHE A 324 -11.75 4.67 -42.12
N CYS A 325 -13.00 4.90 -41.70
CA CYS A 325 -13.96 5.57 -42.58
C CYS A 325 -13.53 7.01 -42.87
N CYS A 326 -13.11 7.74 -41.83
CA CYS A 326 -12.66 9.11 -42.04
C CYS A 326 -11.39 9.15 -42.89
N TYR A 327 -10.48 8.19 -42.72
CA TYR A 327 -9.30 8.16 -43.57
C TYR A 327 -9.66 7.85 -45.02
N ALA A 328 -10.67 7.00 -45.25
CA ALA A 328 -11.13 6.76 -46.61
C ALA A 328 -11.65 8.05 -47.23
N LEU A 329 -12.47 8.79 -46.48
CA LEU A 329 -12.98 10.06 -46.99
C LEU A 329 -11.85 11.05 -47.26
N LEU A 330 -10.88 11.13 -46.35
CA LEU A 330 -9.76 12.04 -46.52
C LEU A 330 -8.92 11.68 -47.73
N LEU A 331 -8.68 10.38 -47.94
CA LEU A 331 -7.91 9.94 -49.09
C LEU A 331 -8.64 10.27 -50.40
N TRP A 332 -9.97 10.07 -50.42
CA TRP A 332 -10.71 10.43 -51.61
C TRP A 332 -10.63 11.92 -51.90
N TYR A 333 -10.77 12.75 -50.85
CA TYR A 333 -10.71 14.19 -51.07
C TYR A 333 -9.31 14.64 -51.46
N GLY A 334 -8.28 14.01 -50.90
CA GLY A 334 -6.92 14.32 -51.31
C GLY A 334 -6.68 13.96 -52.77
N GLY A 335 -7.21 12.82 -53.21
CA GLY A 335 -7.16 12.51 -54.62
C GLY A 335 -7.86 13.56 -55.46
N TYR A 336 -9.05 13.98 -55.03
CA TYR A 336 -9.77 15.02 -55.76
C TYR A 336 -8.93 16.29 -55.89
N LEU A 337 -8.23 16.65 -54.82
CA LEU A 337 -7.34 17.80 -54.89
C LEU A 337 -6.18 17.56 -55.85
N VAL A 338 -5.66 16.34 -55.88
CA VAL A 338 -4.50 16.05 -56.74
C VAL A 338 -4.88 16.15 -58.21
N ARG A 339 -6.06 15.63 -58.59
CA ARG A 339 -6.46 15.75 -60.00
C ARG A 339 -6.56 17.20 -60.43
N HIS A 340 -7.10 18.06 -59.57
CA HIS A 340 -7.27 19.47 -59.92
C HIS A 340 -6.00 20.29 -59.71
N HIS A 341 -4.88 19.64 -59.42
CA HIS A 341 -3.56 20.26 -59.35
C HIS A 341 -3.46 21.32 -58.24
N LEU A 342 -4.20 21.15 -57.15
CA LEU A 342 -4.04 22.05 -56.02
C LEU A 342 -2.96 21.59 -55.04
N THR A 343 -2.43 20.39 -55.21
CA THR A 343 -1.41 19.86 -54.32
C THR A 343 -0.80 18.62 -54.96
N ASN A 344 0.02 17.91 -54.19
CA ASN A 344 0.54 16.60 -54.56
C ASN A 344 0.23 15.62 -53.44
N GLY A 345 0.48 14.34 -53.69
CA GLY A 345 0.08 13.31 -52.73
C GLY A 345 0.82 13.43 -51.41
N GLY A 346 2.12 13.71 -51.45
CA GLY A 346 2.88 13.83 -50.23
C GLY A 346 2.35 14.90 -49.31
N LEU A 347 1.99 16.07 -49.87
CA LEU A 347 1.45 17.15 -49.05
C LEU A 347 0.12 16.76 -48.43
N ALA A 348 -0.73 16.03 -49.17
CA ALA A 348 -2.01 15.59 -48.63
C ALA A 348 -1.80 14.65 -47.45
N ILE A 349 -0.95 13.64 -47.62
CA ILE A 349 -0.70 12.70 -46.53
C ILE A 349 -0.11 13.43 -45.33
N ALA A 350 0.83 14.35 -45.59
CA ALA A 350 1.47 15.08 -44.51
C ALA A 350 0.46 15.94 -43.75
N THR A 351 -0.44 16.63 -44.45
CA THR A 351 -1.37 17.50 -43.74
C THR A 351 -2.37 16.70 -42.93
N MET A 352 -2.86 15.58 -43.45
CA MET A 352 -3.74 14.72 -42.64
C MET A 352 -3.02 14.25 -41.38
N PHE A 353 -1.80 13.73 -41.54
CA PHE A 353 -1.08 13.22 -40.38
C PHE A 353 -0.76 14.34 -39.39
N ALA A 354 -0.43 15.54 -39.89
CA ALA A 354 -0.09 16.65 -39.01
C ALA A 354 -1.29 17.11 -38.19
N VAL A 355 -2.46 17.21 -38.81
CA VAL A 355 -3.64 17.62 -38.06
C VAL A 355 -3.99 16.56 -37.01
N MET A 356 -3.89 15.29 -37.37
CA MET A 356 -4.14 14.24 -36.37
C MET A 356 -3.14 14.32 -35.22
N ILE A 357 -1.86 14.58 -35.54
CA ILE A 357 -0.84 14.70 -34.50
C ILE A 357 -1.13 15.88 -33.58
N GLY A 358 -1.60 16.99 -34.14
CA GLY A 358 -1.98 18.12 -33.30
C GLY A 358 -3.12 17.80 -32.35
N GLY A 359 -4.15 17.12 -32.85
CA GLY A 359 -5.23 16.71 -31.97
C GLY A 359 -4.74 15.80 -30.85
N LEU A 360 -3.91 14.82 -31.19
CA LEU A 360 -3.34 13.94 -30.17
C LEU A 360 -2.49 14.72 -29.18
N ALA A 361 -1.81 15.77 -29.65
CA ALA A 361 -1.00 16.59 -28.76
C ALA A 361 -1.86 17.30 -27.72
N LEU A 362 -2.99 17.87 -28.14
CA LEU A 362 -3.91 18.48 -27.18
C LEU A 362 -4.40 17.44 -26.17
N GLY A 363 -4.78 16.26 -26.68
CA GLY A 363 -5.25 15.21 -25.79
C GLY A 363 -4.22 14.81 -24.75
N GLN A 364 -2.96 14.70 -25.17
CA GLN A 364 -1.88 14.34 -24.24
C GLN A 364 -1.47 15.50 -23.35
N SER A 365 -1.80 16.74 -23.72
CA SER A 365 -1.43 17.88 -22.90
C SER A 365 -2.41 18.12 -21.76
N ALA A 366 -3.65 17.69 -21.91
CA ALA A 366 -4.63 17.84 -20.82
C ALA A 366 -4.16 17.29 -19.46
N PRO A 367 -3.56 16.08 -19.37
CA PRO A 367 -3.12 15.60 -18.05
C PRO A 367 -2.13 16.52 -17.37
N SER A 368 -1.33 17.25 -18.12
CA SER A 368 -0.43 18.23 -17.51
C SER A 368 -1.22 19.31 -16.79
N MET A 369 -2.35 19.75 -17.37
CA MET A 369 -3.20 20.72 -16.69
C MET A 369 -3.80 20.13 -15.42
N ALA A 370 -4.22 18.86 -15.48
CA ALA A 370 -4.73 18.22 -14.27
C ALA A 370 -3.69 18.20 -13.17
N ALA A 371 -2.46 17.83 -13.52
CA ALA A 371 -1.38 17.82 -12.54
C ALA A 371 -1.08 19.22 -12.03
N PHE A 372 -1.22 20.23 -12.90
CA PHE A 372 -1.03 21.62 -12.47
C PHE A 372 -2.02 21.99 -11.39
N ALA A 373 -3.29 21.63 -11.57
CA ALA A 373 -4.30 21.93 -10.56
C ALA A 373 -3.99 21.22 -9.24
N LYS A 374 -3.65 19.93 -9.33
CA LYS A 374 -3.34 19.18 -8.10
C LYS A 374 -2.15 19.80 -7.37
N ALA A 375 -1.10 20.15 -8.11
CA ALA A 375 0.07 20.74 -7.49
C ALA A 375 -0.22 22.13 -6.94
N LYS A 376 -1.12 22.87 -7.57
CA LYS A 376 -1.51 24.16 -7.00
C LYS A 376 -2.14 23.98 -5.64
N VAL A 377 -3.04 23.01 -5.50
CA VAL A 377 -3.66 22.75 -4.20
C VAL A 377 -2.61 22.33 -3.17
N ALA A 378 -1.74 21.39 -3.56
CA ALA A 378 -0.74 20.88 -2.63
C ALA A 378 0.23 21.98 -2.20
N ALA A 379 0.68 22.80 -3.14
CA ALA A 379 1.58 23.91 -2.82
C ALA A 379 0.89 24.95 -1.96
N ALA A 380 -0.41 25.17 -2.16
CA ALA A 380 -1.13 26.07 -1.27
C ALA A 380 -1.08 25.56 0.17
N LYS A 381 -1.31 24.25 0.36
CA LYS A 381 -1.21 23.70 1.71
C LYS A 381 0.20 23.82 2.27
N ILE A 382 1.21 23.52 1.46
CA ILE A 382 2.60 23.56 1.93
C ILE A 382 2.98 24.99 2.34
N PHE A 383 2.63 25.97 1.51
CA PHE A 383 2.93 27.35 1.84
C PHE A 383 2.13 27.83 3.05
N ARG A 384 0.92 27.31 3.22
CA ARG A 384 0.15 27.62 4.42
C ARG A 384 0.90 27.17 5.67
N ILE A 385 1.49 25.97 5.62
CA ILE A 385 2.25 25.50 6.78
C ILE A 385 3.53 26.30 6.95
N ILE A 386 4.22 26.61 5.85
CA ILE A 386 5.53 27.25 5.94
C ILE A 386 5.40 28.69 6.45
N ASP A 387 4.48 29.45 5.88
CA ASP A 387 4.43 30.89 6.12
C ASP A 387 3.92 31.26 7.50
N HIS A 388 3.36 30.31 8.25
CA HIS A 388 2.89 30.60 9.60
C HIS A 388 4.07 30.92 10.51
N LYS A 389 3.83 31.83 11.47
CA LYS A 389 4.87 32.22 12.40
C LYS A 389 4.57 31.70 13.80
N PRO A 390 5.58 31.23 14.52
CA PRO A 390 5.33 30.72 15.88
C PRO A 390 4.93 31.84 16.83
N THR A 391 4.17 31.45 17.86
CA THR A 391 3.68 32.43 18.83
C THR A 391 4.67 32.63 19.98
N ILE A 392 5.30 31.55 20.44
CA ILE A 392 6.22 31.66 21.57
C ILE A 392 7.45 32.48 21.18
N GLU A 393 7.91 32.34 19.93
CA GLU A 393 9.09 33.05 19.47
C GLU A 393 8.90 34.57 19.44
N ARG A 394 7.66 35.05 19.52
CA ARG A 394 7.41 36.49 19.48
C ARG A 394 7.94 37.22 20.71
N ASN A 395 8.34 36.49 21.75
CA ASN A 395 8.87 37.12 22.95
C ASN A 395 10.28 37.66 22.68
N SER A 396 10.91 38.16 23.73
CA SER A 396 12.24 38.76 23.62
C SER A 396 13.25 37.67 23.26
N GLU A 397 13.82 37.76 22.05
CA GLU A 397 14.82 36.79 21.63
C GLU A 397 16.10 36.93 22.42
N SER A 398 16.34 38.10 23.02
CA SER A 398 17.52 38.29 23.87
C SER A 398 17.37 37.52 25.17
N GLY A 399 16.33 37.86 25.95
CA GLY A 399 16.05 37.17 27.18
C GLY A 399 17.15 37.31 28.22
N VAL A 400 17.10 36.42 29.22
CA VAL A 400 18.08 36.40 30.29
C VAL A 400 18.61 34.98 30.46
N GLU A 401 19.80 34.89 31.04
CA GLU A 401 20.44 33.62 31.40
C GLU A 401 20.99 33.79 32.81
N LEU A 402 20.18 33.42 33.81
CA LEU A 402 20.58 33.63 35.20
C LEU A 402 21.78 32.77 35.57
N ASP A 403 21.87 31.57 35.00
CA ASP A 403 22.98 30.64 35.21
C ASP A 403 23.04 30.14 36.66
N SER A 404 23.72 29.01 36.88
CA SER A 404 23.83 28.39 38.20
C SER A 404 22.44 28.12 38.80
N VAL A 405 21.69 27.29 38.09
CA VAL A 405 20.34 26.94 38.52
C VAL A 405 20.41 26.09 39.78
N THR A 406 19.51 26.36 40.73
CA THR A 406 19.47 25.56 41.95
C THR A 406 18.49 24.40 41.82
N GLY A 407 17.40 24.59 41.09
CA GLY A 407 16.39 23.55 40.93
C GLY A 407 15.18 23.69 41.82
N LEU A 408 14.96 24.86 42.41
CA LEU A 408 13.83 25.09 43.32
C LEU A 408 12.67 25.81 42.63
N VAL A 409 12.42 25.48 41.36
CA VAL A 409 11.38 26.17 40.60
C VAL A 409 10.03 25.99 41.28
N GLU A 410 9.19 27.03 41.19
CA GLU A 410 7.90 27.05 41.86
C GLU A 410 6.81 27.21 40.81
N LEU A 411 5.96 26.19 40.69
CA LEU A 411 4.80 26.24 39.81
C LEU A 411 3.56 26.54 40.67
N LYS A 412 3.31 27.84 40.85
CA LYS A 412 2.26 28.27 41.77
C LYS A 412 0.88 28.18 41.12
N ASN A 413 0.82 28.32 39.79
CA ASN A 413 -0.45 28.24 39.06
C ASN A 413 -0.18 27.63 37.70
N VAL A 414 -1.17 26.92 37.16
CA VAL A 414 -1.00 26.14 35.93
C VAL A 414 -1.52 26.92 34.73
N ASP A 415 -1.02 26.54 33.55
CA ASP A 415 -1.44 27.13 32.27
C ASP A 415 -1.51 26.04 31.20
N PHE A 416 -1.53 26.45 29.93
CA PHE A 416 -1.51 25.53 28.79
C PHE A 416 -2.69 24.55 28.86
N SER A 417 -3.88 25.14 28.75
CA SER A 417 -5.15 24.43 28.94
C SER A 417 -5.58 23.63 27.73
N TYR A 418 -4.64 23.22 26.87
CA TYR A 418 -4.94 22.44 25.67
C TYR A 418 -5.92 23.23 24.80
N PRO A 419 -5.46 24.29 24.13
CA PRO A 419 -6.40 25.18 23.42
C PRO A 419 -7.32 24.47 22.43
N SER A 420 -7.08 23.19 22.13
CA SER A 420 -8.04 22.42 21.36
C SER A 420 -9.36 22.28 22.11
N ARG A 421 -9.32 22.27 23.43
CA ARG A 421 -10.50 22.20 24.29
C ARG A 421 -10.41 23.27 25.36
N PRO A 422 -10.58 24.54 24.97
CA PRO A 422 -10.38 25.62 25.95
C PRO A 422 -11.51 25.73 26.97
N ASP A 423 -12.70 25.25 26.66
CA ASP A 423 -13.83 25.38 27.58
C ASP A 423 -13.58 24.58 28.87
N VAL A 424 -13.04 23.39 28.74
CA VAL A 424 -12.70 22.55 29.88
C VAL A 424 -11.25 22.82 30.27
N LYS A 425 -11.02 23.12 31.55
CA LYS A 425 -9.68 23.37 32.05
C LYS A 425 -9.19 22.11 32.72
N ILE A 426 -8.24 21.42 32.09
CA ILE A 426 -7.87 20.08 32.53
C ILE A 426 -7.18 20.12 33.88
N LEU A 427 -6.36 21.14 34.12
CA LEU A 427 -5.55 21.24 35.33
C LEU A 427 -5.94 22.51 36.07
N ASN A 428 -6.36 22.37 37.32
CA ASN A 428 -6.66 23.56 38.10
C ASN A 428 -5.39 24.11 38.74
N ASN A 429 -5.44 25.39 39.09
CA ASN A 429 -4.26 26.06 39.63
C ASN A 429 -3.86 25.46 40.97
N PHE A 430 -2.58 25.13 41.10
CA PHE A 430 -2.05 24.55 42.33
C PHE A 430 -0.56 24.90 42.44
N CYS A 431 -0.04 24.81 43.66
CA CYS A 431 1.37 25.05 43.94
C CYS A 431 2.09 23.72 44.09
N LEU A 432 3.22 23.58 43.41
CA LEU A 432 4.04 22.37 43.48
C LEU A 432 5.29 22.57 44.32
N SER A 433 6.11 23.56 43.98
CA SER A 433 7.26 23.97 44.79
C SER A 433 8.23 22.81 45.03
N VAL A 434 8.84 22.34 43.94
CA VAL A 434 9.87 21.31 44.08
C VAL A 434 11.06 21.86 44.86
N PRO A 435 11.57 21.15 45.86
CA PRO A 435 12.74 21.63 46.61
C PRO A 435 14.02 21.48 45.80
N ALA A 436 14.97 22.37 46.09
CA ALA A 436 16.26 22.32 45.43
C ALA A 436 17.09 21.15 45.94
N GLY A 437 17.67 20.40 45.02
CA GLY A 437 18.48 19.26 45.40
C GLY A 437 17.74 18.18 46.14
N LYS A 438 16.47 17.95 45.77
CA LYS A 438 15.68 16.93 46.43
C LYS A 438 14.65 16.36 45.46
N THR A 439 14.52 15.04 45.46
CA THR A 439 13.58 14.37 44.56
C THR A 439 12.14 14.64 45.01
N ILE A 440 11.25 14.77 44.03
CA ILE A 440 9.81 14.83 44.28
C ILE A 440 9.11 14.00 43.23
N ALA A 441 8.07 13.28 43.65
CA ALA A 441 7.26 12.47 42.74
C ALA A 441 5.79 12.72 43.04
N LEU A 442 5.01 12.97 41.99
CA LEU A 442 3.58 13.21 42.13
C LEU A 442 2.81 12.21 41.29
N VAL A 443 1.72 11.69 41.86
CA VAL A 443 0.88 10.70 41.19
C VAL A 443 -0.58 11.09 41.40
N GLY A 444 -1.39 10.94 40.35
CA GLY A 444 -2.80 11.25 40.46
C GLY A 444 -3.43 11.39 39.09
N SER A 445 -4.70 11.75 39.10
CA SER A 445 -5.53 11.96 37.90
C SER A 445 -5.44 10.69 37.05
N SER A 446 -5.21 10.81 35.73
CA SER A 446 -5.15 9.65 34.84
C SER A 446 -3.96 9.71 33.90
N GLY A 447 -2.86 10.35 34.32
CA GLY A 447 -1.69 10.50 33.50
C GLY A 447 -1.67 11.75 32.65
N SER A 448 -2.82 12.39 32.44
CA SER A 448 -2.83 13.64 31.69
C SER A 448 -2.34 14.80 32.54
N GLY A 449 -2.61 14.77 33.85
CA GLY A 449 -2.17 15.85 34.72
C GLY A 449 -0.65 15.90 34.85
N LYS A 450 -0.02 14.74 35.02
CA LYS A 450 1.44 14.70 35.12
C LYS A 450 2.08 15.17 33.82
N SER A 451 1.54 14.72 32.69
CA SER A 451 2.05 15.16 31.40
C SER A 451 1.86 16.66 31.22
N THR A 452 0.73 17.19 31.70
CA THR A 452 0.50 18.63 31.61
C THR A 452 1.51 19.40 32.46
N VAL A 453 1.80 18.90 33.66
CA VAL A 453 2.81 19.55 34.50
C VAL A 453 4.17 19.54 33.80
N VAL A 454 4.51 18.40 33.19
CA VAL A 454 5.76 18.31 32.44
C VAL A 454 5.77 19.34 31.31
N SER A 455 4.64 19.46 30.60
CA SER A 455 4.55 20.40 29.48
C SER A 455 4.74 21.84 29.95
N LEU A 456 4.10 22.20 31.06
CA LEU A 456 4.29 23.55 31.61
C LEU A 456 5.74 23.78 32.02
N ILE A 457 6.40 22.76 32.58
CA ILE A 457 7.80 22.93 32.95
C ILE A 457 8.66 23.16 31.71
N GLU A 458 8.34 22.51 30.60
CA GLU A 458 9.14 22.65 29.38
C GLU A 458 8.70 23.85 28.56
N ARG A 459 8.50 24.99 29.22
CA ARG A 459 8.05 26.24 28.60
C ARG A 459 7.08 25.98 27.44
N PHE A 460 5.97 25.30 27.71
CA PHE A 460 4.84 25.25 26.80
C PHE A 460 3.73 26.17 27.26
N TYR A 461 4.10 27.32 27.82
CA TYR A 461 3.17 28.20 28.51
C TYR A 461 2.16 28.81 27.55
N ASP A 462 0.89 28.78 27.94
CA ASP A 462 -0.18 29.52 27.26
C ASP A 462 -0.98 30.20 28.36
N PRO A 463 -1.10 31.53 28.35
CA PRO A 463 -1.61 32.23 29.55
C PRO A 463 -3.02 31.84 29.93
N ASN A 464 -3.16 31.13 31.04
CA ASN A 464 -4.45 30.72 31.57
C ASN A 464 -4.68 31.13 33.01
N SER A 465 -3.68 30.99 33.88
CA SER A 465 -3.85 31.29 35.29
C SER A 465 -2.48 31.43 35.94
N GLY A 466 -2.22 32.58 36.56
CA GLY A 466 -1.00 32.76 37.33
C GLY A 466 0.25 32.70 36.49
N GLN A 467 1.34 32.22 37.11
CA GLN A 467 2.63 32.16 36.46
C GLN A 467 3.45 31.02 37.05
N VAL A 468 4.44 30.58 36.28
CA VAL A 468 5.40 29.56 36.72
C VAL A 468 6.80 30.17 36.59
N LEU A 469 7.61 29.98 37.63
CA LEU A 469 8.88 30.68 37.75
C LEU A 469 10.00 29.70 38.08
N LEU A 470 11.21 30.06 37.62
CA LEU A 470 12.43 29.30 37.89
C LEU A 470 13.29 30.12 38.85
N ASP A 471 13.42 29.62 40.09
CA ASP A 471 14.26 30.24 41.11
C ASP A 471 13.94 31.73 41.28
N GLY A 472 12.64 32.03 41.30
CA GLY A 472 12.18 33.40 41.43
C GLY A 472 12.12 34.18 40.14
N GLN A 473 12.45 33.57 39.00
CA GLN A 473 12.42 34.24 37.71
C GLN A 473 11.35 33.59 36.84
N ASP A 474 10.37 34.39 36.44
CA ASP A 474 9.32 33.90 35.56
C ASP A 474 9.87 33.64 34.17
N LEU A 475 9.36 32.59 33.51
CA LEU A 475 9.96 32.11 32.27
C LEU A 475 9.78 33.06 31.10
N LYS A 476 8.92 34.08 31.20
CA LYS A 476 8.80 35.03 30.09
C LYS A 476 10.11 35.77 29.86
N THR A 477 10.80 36.15 30.93
CA THR A 477 12.11 36.76 30.78
C THR A 477 13.17 35.76 30.35
N LEU A 478 12.94 34.47 30.56
CA LEU A 478 13.90 33.44 30.21
C LEU A 478 13.89 33.20 28.70
N LYS A 479 14.87 32.43 28.23
CA LYS A 479 15.01 32.12 26.82
C LYS A 479 14.82 30.63 26.58
N LEU A 480 14.16 30.32 25.47
CA LEU A 480 13.97 28.92 25.09
C LEU A 480 15.31 28.22 24.86
N ARG A 481 16.23 28.89 24.16
CA ARG A 481 17.49 28.25 23.82
C ARG A 481 18.32 27.89 25.05
N TRP A 482 18.10 28.57 26.17
CA TRP A 482 18.82 28.27 27.40
C TRP A 482 18.01 27.45 28.39
N LEU A 483 16.71 27.71 28.50
CA LEU A 483 15.88 26.97 29.45
C LEU A 483 15.82 25.49 29.10
N ARG A 484 15.69 25.16 27.81
CA ARG A 484 15.63 23.77 27.41
C ARG A 484 16.91 23.02 27.76
N GLN A 485 18.06 23.69 27.70
CA GLN A 485 19.31 23.04 28.03
C GLN A 485 19.36 22.59 29.48
N GLN A 486 18.64 23.28 30.37
CA GLN A 486 18.67 22.94 31.79
C GLN A 486 17.72 21.81 32.15
N ILE A 487 16.90 21.34 31.22
CA ILE A 487 15.86 20.35 31.51
C ILE A 487 16.31 19.01 30.93
N GLY A 488 16.46 18.01 31.79
CA GLY A 488 16.80 16.67 31.35
C GLY A 488 15.59 15.78 31.13
N LEU A 489 14.82 16.06 30.09
CA LEU A 489 13.56 15.36 29.88
C LEU A 489 13.78 13.89 29.53
N VAL A 490 12.96 13.04 30.12
CA VAL A 490 12.79 11.65 29.69
C VAL A 490 11.30 11.38 29.57
N SER A 491 10.86 10.93 28.41
CA SER A 491 9.44 10.81 28.10
C SER A 491 9.02 9.35 28.08
N GLN A 492 7.73 9.13 27.83
CA GLN A 492 7.19 7.77 27.73
C GLN A 492 7.83 7.02 26.57
N GLU A 493 7.94 7.66 25.42
CA GLU A 493 8.55 7.05 24.25
C GLU A 493 9.97 7.58 24.09
N PRO A 494 10.97 6.71 24.01
CA PRO A 494 12.35 7.21 23.82
C PRO A 494 12.53 8.03 22.55
N ALA A 495 11.74 7.76 21.52
CA ALA A 495 11.76 8.54 20.28
C ALA A 495 13.15 8.53 19.63
N LEU A 496 13.57 7.33 19.21
CA LEU A 496 14.84 7.16 18.53
C LEU A 496 14.67 7.53 17.06
N PHE A 497 15.39 8.56 16.62
CA PHE A 497 15.33 8.97 15.23
C PHE A 497 16.15 8.02 14.35
N ALA A 498 15.81 8.01 13.06
CA ALA A 498 16.46 7.12 12.10
C ALA A 498 17.83 7.69 11.74
N THR A 499 18.80 7.33 12.56
CA THR A 499 20.19 7.73 12.35
C THR A 499 21.08 6.79 13.15
N SER A 500 22.37 7.11 13.23
CA SER A 500 23.30 6.29 13.98
C SER A 500 23.10 6.50 15.49
N ILE A 501 23.56 5.52 16.26
CA ILE A 501 23.43 5.59 17.71
C ILE A 501 24.24 6.75 18.27
N LYS A 502 25.45 6.97 17.73
CA LYS A 502 26.28 8.05 18.21
C LYS A 502 25.64 9.41 17.95
N GLU A 503 24.93 9.54 16.84
CA GLU A 503 24.20 10.78 16.58
C GLU A 503 23.05 10.97 17.57
N ASN A 504 22.34 9.88 17.90
CA ASN A 504 21.25 9.97 18.85
C ASN A 504 21.76 10.38 20.23
N ILE A 505 22.89 9.80 20.66
CA ILE A 505 23.46 10.17 21.97
C ILE A 505 24.00 11.59 21.92
N LEU A 506 24.62 11.98 20.81
CA LEU A 506 25.19 13.31 20.68
C LEU A 506 24.11 14.38 20.56
N LEU A 507 22.85 13.99 20.38
CA LEU A 507 21.78 14.96 20.12
C LEU A 507 21.58 15.90 21.30
N GLY A 508 21.99 15.50 22.51
CA GLY A 508 21.86 16.40 23.65
C GLY A 508 22.64 17.68 23.48
N ARG A 509 23.90 17.56 23.06
CA ARG A 509 24.71 18.71 22.69
C ARG A 509 25.78 18.26 21.71
N PRO A 510 25.85 18.88 20.51
CA PRO A 510 26.80 18.41 19.50
C PRO A 510 28.26 18.63 19.86
N ASP A 511 28.55 19.39 20.92
CA ASP A 511 29.91 19.76 21.28
C ASP A 511 30.61 18.68 22.11
N ALA A 512 30.13 17.44 22.06
CA ALA A 512 30.75 16.35 22.80
C ALA A 512 31.65 15.54 21.89
N ASP A 513 32.44 14.67 22.50
CA ASP A 513 33.38 13.80 21.79
C ASP A 513 33.00 12.33 22.03
N GLN A 514 33.84 11.43 21.54
CA GLN A 514 33.62 10.01 21.75
C GLN A 514 33.74 9.64 23.22
N VAL A 515 34.68 10.27 23.94
CA VAL A 515 34.88 9.94 25.35
C VAL A 515 33.65 10.32 26.17
N GLU A 516 33.08 11.50 25.91
CA GLU A 516 31.90 11.92 26.66
C GLU A 516 30.71 10.99 26.38
N ILE A 517 30.56 10.56 25.13
CA ILE A 517 29.51 9.59 24.81
C ILE A 517 29.74 8.29 25.55
N GLU A 518 31.00 7.85 25.61
CA GLU A 518 31.33 6.62 26.34
C GLU A 518 30.97 6.73 27.81
N GLU A 519 31.33 7.84 28.44
CA GLU A 519 30.99 8.04 29.85
C GLU A 519 29.48 8.13 30.06
N ALA A 520 28.76 8.80 29.15
CA ALA A 520 27.31 8.87 29.26
C ALA A 520 26.67 7.49 29.16
N ALA A 521 27.16 6.65 28.24
CA ALA A 521 26.61 5.31 28.12
C ALA A 521 27.07 4.39 29.25
N ARG A 522 28.16 4.75 29.93
CA ARG A 522 28.70 3.91 31.00
C ARG A 522 27.66 3.64 32.09
N VAL A 523 26.72 4.56 32.30
CA VAL A 523 25.72 4.37 33.34
C VAL A 523 24.81 3.19 33.02
N ALA A 524 24.51 2.98 31.73
CA ALA A 524 23.62 1.90 31.32
C ALA A 524 24.41 0.61 31.09
N ASN A 525 25.08 0.17 32.16
CA ASN A 525 25.93 -1.03 32.15
C ASN A 525 26.92 -0.98 31.00
N ALA A 526 27.70 0.11 30.97
CA ALA A 526 28.70 0.34 29.94
C ALA A 526 28.08 0.30 28.55
N HIS A 527 28.16 -0.84 27.89
CA HIS A 527 27.58 -0.97 26.57
C HIS A 527 26.61 -2.14 26.46
N SER A 528 26.91 -3.28 27.10
CA SER A 528 26.07 -4.46 27.08
C SER A 528 25.71 -4.86 25.65
N PHE A 529 24.48 -4.56 25.22
CA PHE A 529 24.04 -4.89 23.89
C PHE A 529 24.64 -3.99 22.82
N ILE A 530 25.08 -2.78 23.19
CA ILE A 530 25.55 -1.82 22.20
C ILE A 530 26.90 -2.25 21.63
N ILE A 531 27.80 -2.75 22.47
CA ILE A 531 29.16 -3.05 22.02
C ILE A 531 29.15 -4.21 21.02
N LYS A 532 28.24 -5.17 21.19
CA LYS A 532 28.18 -6.33 20.32
C LYS A 532 27.39 -6.07 19.05
N LEU A 533 26.94 -4.85 18.83
CA LEU A 533 26.22 -4.52 17.61
C LEU A 533 27.17 -4.59 16.41
N PRO A 534 26.62 -4.82 15.22
CA PRO A 534 27.50 -5.04 14.05
C PRO A 534 28.51 -3.94 13.79
N ASP A 535 28.14 -2.67 13.98
CA ASP A 535 29.03 -1.55 13.70
C ASP A 535 29.17 -0.64 14.92
N GLY A 536 28.82 -1.15 16.11
CA GLY A 536 28.95 -0.33 17.31
C GLY A 536 28.02 0.87 17.27
N PHE A 537 28.61 2.05 17.44
CA PHE A 537 27.83 3.28 17.49
C PHE A 537 27.31 3.72 16.13
N ASP A 538 27.94 3.27 15.04
CA ASP A 538 27.59 3.75 13.71
C ASP A 538 26.40 3.02 13.11
N THR A 539 25.86 2.00 13.77
CA THR A 539 24.69 1.30 13.25
C THR A 539 23.46 2.20 13.32
N GLN A 540 22.50 1.96 12.44
CA GLN A 540 21.28 2.73 12.38
C GLN A 540 20.09 1.89 12.82
N VAL A 541 18.99 2.58 13.16
CA VAL A 541 17.79 1.89 13.62
C VAL A 541 16.80 1.60 12.50
N GLY A 542 17.03 2.15 11.29
CA GLY A 542 16.12 1.87 10.19
C GLY A 542 16.17 0.42 9.74
N GLU A 543 17.38 -0.14 9.64
CA GLU A 543 17.55 -1.52 9.20
C GLU A 543 17.35 -2.47 10.37
N ARG A 544 17.72 -3.73 10.19
CA ARG A 544 17.51 -4.75 11.21
C ARG A 544 18.47 -4.52 12.37
N GLY A 545 17.99 -3.80 13.38
CA GLY A 545 18.77 -3.55 14.59
C GLY A 545 18.19 -4.29 15.79
N LEU A 546 17.44 -3.58 16.62
CA LEU A 546 16.76 -4.19 17.76
C LEU A 546 15.27 -4.39 17.50
N GLN A 547 14.58 -3.32 17.07
CA GLN A 547 13.18 -3.38 16.64
C GLN A 547 12.27 -4.02 17.70
N LEU A 548 12.40 -3.54 18.94
CA LEU A 548 11.50 -3.96 20.01
C LEU A 548 11.40 -2.85 21.04
N SER A 549 10.19 -2.64 21.55
CA SER A 549 9.97 -1.62 22.57
C SER A 549 10.74 -1.95 23.84
N GLY A 550 10.68 -3.21 24.26
CA GLY A 550 11.44 -3.65 25.42
C GLY A 550 12.89 -3.91 25.08
N GLY A 551 13.54 -2.92 24.47
CA GLY A 551 14.92 -3.06 24.08
C GLY A 551 15.82 -2.03 24.72
N GLN A 552 16.88 -1.63 24.01
CA GLN A 552 17.88 -0.72 24.55
C GLN A 552 17.54 0.74 24.31
N LYS A 553 16.48 1.04 23.54
CA LYS A 553 16.21 2.42 23.15
C LYS A 553 15.89 3.31 24.36
N GLN A 554 15.24 2.75 25.37
CA GLN A 554 15.03 3.52 26.60
C GLN A 554 16.35 3.88 27.25
N ARG A 555 17.28 2.92 27.30
CA ARG A 555 18.61 3.22 27.82
C ARG A 555 19.36 4.21 26.93
N ILE A 556 19.09 4.18 25.62
CA ILE A 556 19.69 5.16 24.73
C ILE A 556 19.19 6.56 25.08
N ALA A 557 17.89 6.71 25.33
CA ALA A 557 17.35 8.00 25.73
C ALA A 557 17.92 8.44 27.08
N ILE A 558 18.07 7.49 28.00
CA ILE A 558 18.65 7.82 29.30
C ILE A 558 20.09 8.32 29.14
N ALA A 559 20.86 7.66 28.27
CA ALA A 559 22.23 8.10 28.01
C ALA A 559 22.25 9.48 27.36
N ARG A 560 21.31 9.75 26.46
CA ARG A 560 21.23 11.07 25.85
C ARG A 560 20.94 12.14 26.90
N ALA A 561 20.05 11.82 27.86
CA ALA A 561 19.78 12.75 28.95
C ALA A 561 21.02 12.95 29.82
N MET A 562 21.75 11.87 30.09
CA MET A 562 22.96 11.98 30.90
C MET A 562 24.02 12.84 30.23
N LEU A 563 24.15 12.72 28.91
CA LEU A 563 25.10 13.56 28.18
C LEU A 563 24.70 15.02 28.26
N LYS A 564 23.43 15.31 28.53
CA LYS A 564 22.97 16.67 28.77
C LYS A 564 23.28 17.06 30.21
N ASN A 565 23.08 18.34 30.52
CA ASN A 565 23.35 18.87 31.85
C ASN A 565 22.45 18.19 32.88
N PRO A 566 22.99 17.56 33.94
CA PRO A 566 22.18 16.93 34.98
C PRO A 566 21.55 17.91 35.97
N ALA A 567 20.86 18.91 35.43
CA ALA A 567 20.13 19.89 36.22
C ALA A 567 18.72 19.36 36.46
N ILE A 568 17.79 20.23 36.87
CA ILE A 568 16.37 19.92 36.96
C ILE A 568 15.92 19.11 35.76
N LEU A 569 15.27 17.97 36.02
CA LEU A 569 14.88 17.04 34.98
C LEU A 569 13.52 16.45 35.30
N LEU A 570 12.86 15.94 34.26
CA LEU A 570 11.50 15.42 34.36
C LEU A 570 11.49 13.97 33.91
N LEU A 571 11.53 13.05 34.87
CA LEU A 571 11.44 11.63 34.59
C LEU A 571 9.99 11.25 34.29
N ASP A 572 9.83 10.22 33.47
CA ASP A 572 8.52 9.67 33.14
C ASP A 572 8.58 8.14 33.26
N GLU A 573 7.41 7.53 33.35
CA GLU A 573 7.33 6.10 33.59
C GLU A 573 8.01 5.32 32.47
N ALA A 574 8.77 4.30 32.86
CA ALA A 574 9.58 3.51 31.94
C ALA A 574 8.80 2.28 31.48
N THR A 575 9.49 1.37 30.80
CA THR A 575 8.86 0.17 30.28
C THR A 575 8.47 -0.78 31.42
N SER A 576 7.50 -1.64 31.12
CA SER A 576 7.05 -2.66 32.06
C SER A 576 7.40 -4.07 31.62
N ALA A 577 7.99 -4.23 30.43
CA ALA A 577 8.37 -5.54 29.92
C ALA A 577 9.82 -5.83 30.27
N LEU A 578 10.37 -6.88 29.69
CA LEU A 578 11.76 -7.32 29.88
C LEU A 578 11.94 -7.65 31.37
N ASP A 579 13.05 -7.26 31.99
CA ASP A 579 13.31 -7.59 33.38
C ASP A 579 13.62 -6.34 34.20
N SER A 580 14.07 -6.54 35.44
CA SER A 580 14.30 -5.43 36.36
C SER A 580 15.55 -4.63 36.02
N GLU A 581 16.39 -5.10 35.10
CA GLU A 581 17.65 -4.40 34.83
C GLU A 581 17.39 -3.01 34.25
N SER A 582 16.44 -2.90 33.32
CA SER A 582 16.20 -1.61 32.67
C SER A 582 15.68 -0.57 33.65
N GLU A 583 14.64 -0.94 34.41
CA GLU A 583 14.10 0.01 35.38
C GLU A 583 15.11 0.33 36.47
N LYS A 584 15.83 -0.68 36.98
CA LYS A 584 16.82 -0.42 38.01
C LYS A 584 17.91 0.51 37.50
N LEU A 585 18.28 0.38 36.23
CA LEU A 585 19.16 1.35 35.60
C LEU A 585 18.52 2.73 35.59
N VAL A 586 17.21 2.79 35.35
CA VAL A 586 16.52 4.08 35.35
C VAL A 586 16.68 4.77 36.70
N GLN A 587 16.44 4.04 37.80
CA GLN A 587 16.62 4.69 39.10
C GLN A 587 18.08 5.02 39.37
N GLU A 588 19.00 4.10 39.09
CA GLU A 588 20.40 4.36 39.46
C GLU A 588 21.02 5.46 38.62
N ALA A 589 20.47 5.76 37.45
CA ALA A 589 20.96 6.83 36.60
C ALA A 589 20.16 8.12 36.73
N LEU A 590 18.95 8.04 37.29
CA LEU A 590 18.08 9.20 37.39
C LEU A 590 17.67 9.52 38.83
N ASP A 591 17.95 8.65 39.79
CA ASP A 591 17.65 8.91 41.19
C ASP A 591 18.84 8.74 42.12
N ARG A 592 19.84 7.94 41.74
CA ARG A 592 20.97 7.63 42.61
C ARG A 592 22.24 8.35 42.21
N PHE A 593 22.15 9.38 41.37
CA PHE A 593 23.31 10.16 40.98
C PHE A 593 23.44 11.44 41.79
N MET A 594 22.68 11.57 42.88
CA MET A 594 22.56 12.76 43.71
C MET A 594 21.85 13.87 42.95
N ILE A 595 21.39 14.90 43.67
CA ILE A 595 20.61 15.99 43.10
C ILE A 595 19.41 15.41 42.35
N GLY A 596 18.56 14.69 43.07
CA GLY A 596 17.38 14.10 42.45
C GLY A 596 16.36 15.17 42.11
N ARG A 597 15.65 14.96 41.00
CA ARG A 597 14.72 15.94 40.47
C ARG A 597 13.31 15.35 40.46
N THR A 598 12.39 16.04 39.78
CA THR A 598 10.99 15.65 39.77
C THR A 598 10.78 14.39 38.95
N THR A 599 10.90 13.24 39.59
CA THR A 599 10.78 11.94 38.93
C THR A 599 9.37 11.38 39.12
N LEU A 600 8.41 12.00 38.45
CA LEU A 600 7.03 11.54 38.51
C LEU A 600 6.90 10.19 37.78
N ILE A 601 6.03 9.34 38.31
CA ILE A 601 5.79 8.00 37.77
C ILE A 601 4.31 7.90 37.42
N ILE A 602 4.01 7.77 36.13
CA ILE A 602 2.62 7.72 35.70
C ILE A 602 1.95 6.42 36.15
N ALA A 603 2.62 5.29 35.92
CA ALA A 603 2.06 3.99 36.24
C ALA A 603 3.13 3.15 36.94
N HIS A 604 2.76 1.92 37.31
CA HIS A 604 3.63 0.99 38.00
C HIS A 604 4.26 1.64 39.22
N ARG A 605 3.39 2.05 40.15
CA ARG A 605 3.80 2.71 41.38
C ARG A 605 3.99 1.72 42.54
N LEU A 606 4.30 0.46 42.23
CA LEU A 606 4.48 -0.53 43.28
C LEU A 606 5.67 -0.18 44.18
N SER A 607 6.78 0.24 43.58
CA SER A 607 7.96 0.60 44.36
C SER A 607 8.64 1.88 43.91
N THR A 608 8.32 2.42 42.74
CA THR A 608 8.98 3.63 42.27
C THR A 608 8.65 4.82 43.17
N ILE A 609 7.39 4.96 43.56
CA ILE A 609 7.01 6.07 44.44
C ILE A 609 7.30 5.72 45.90
N ARG A 610 7.33 4.43 46.24
CA ARG A 610 7.70 4.03 47.59
C ARG A 610 9.14 4.43 47.90
N LYS A 611 10.05 4.25 46.93
CA LYS A 611 11.41 4.73 47.10
C LYS A 611 11.46 6.26 47.15
N ALA A 612 10.55 6.93 46.43
CA ALA A 612 10.50 8.38 46.45
C ALA A 612 10.09 8.89 47.83
N ASP A 613 10.59 10.08 48.17
CA ASP A 613 10.33 10.68 49.48
C ASP A 613 9.02 11.44 49.54
N LEU A 614 8.49 11.91 48.41
CA LEU A 614 7.26 12.67 48.39
C LEU A 614 6.25 11.97 47.48
N VAL A 615 4.98 12.12 47.83
CA VAL A 615 3.88 11.52 47.07
C VAL A 615 3.12 12.55 46.25
N ALA A 616 2.82 13.71 46.85
CA ALA A 616 2.20 14.84 46.15
C ALA A 616 1.03 14.41 45.28
N VAL A 617 0.00 13.86 45.92
CA VAL A 617 -1.13 13.29 45.19
C VAL A 617 -1.86 14.40 44.44
N LEU A 618 -2.54 14.03 43.36
CA LEU A 618 -3.03 14.98 42.37
C LEU A 618 -4.51 14.74 42.06
N GLN A 619 -5.34 14.66 43.09
CA GLN A 619 -6.79 14.60 42.88
C GLN A 619 -7.27 15.85 42.15
N GLN A 620 -8.24 15.66 41.25
CA GLN A 620 -8.90 16.70 40.46
C GLN A 620 -7.92 17.76 39.97
N GLY A 621 -6.74 17.33 39.53
CA GLY A 621 -5.75 18.27 39.02
C GLY A 621 -5.24 19.26 40.05
N SER A 622 -5.06 18.81 41.29
CA SER A 622 -4.57 19.68 42.35
C SER A 622 -3.87 18.84 43.41
N VAL A 623 -2.91 19.45 44.09
CA VAL A 623 -2.16 18.78 45.14
C VAL A 623 -2.98 18.86 46.42
N SER A 624 -3.79 17.83 46.67
CA SER A 624 -4.57 17.79 47.91
C SER A 624 -3.71 17.44 49.10
N GLU A 625 -2.77 16.52 48.92
CA GLU A 625 -1.88 16.09 49.99
C GLU A 625 -0.45 16.01 49.46
N ILE A 626 0.49 16.50 50.24
CA ILE A 626 1.92 16.45 49.89
C ILE A 626 2.72 16.37 51.18
N GLY A 627 3.83 15.64 51.12
CA GLY A 627 4.66 15.45 52.29
C GLY A 627 5.22 14.05 52.40
N THR A 628 4.92 13.38 53.52
CA THR A 628 5.45 12.05 53.76
C THR A 628 4.88 11.04 52.76
N HIS A 629 5.61 9.93 52.58
CA HIS A 629 5.23 8.88 51.66
C HIS A 629 4.73 7.62 52.36
N ASP A 630 4.88 7.53 53.69
CA ASP A 630 4.51 6.31 54.40
C ASP A 630 3.02 6.04 54.32
N GLU A 631 2.19 7.09 54.41
CA GLU A 631 0.75 6.90 54.40
C GLU A 631 0.28 6.35 53.06
N LEU A 632 -0.66 5.40 53.13
CA LEU A 632 -1.16 4.74 51.93
C LEU A 632 -2.34 5.51 51.35
N PHE A 633 -2.85 5.05 50.22
CA PHE A 633 -3.96 5.71 49.55
C PHE A 633 -4.85 4.62 48.94
N SER A 634 -5.81 5.05 48.12
CA SER A 634 -6.81 4.16 47.53
C SER A 634 -6.44 3.76 46.11
N LYS A 635 -5.15 3.58 45.84
CA LYS A 635 -4.72 3.16 44.51
C LYS A 635 -5.32 1.81 44.15
N GLY A 636 -5.75 1.69 42.89
CA GLY A 636 -6.38 0.47 42.42
C GLY A 636 -5.97 0.07 41.02
N GLU A 637 -4.77 0.47 40.60
CA GLU A 637 -4.31 0.16 39.26
C GLU A 637 -3.98 -1.33 39.12
N ASN A 638 -3.95 -1.79 37.87
CA ASN A 638 -3.60 -3.18 37.60
C ASN A 638 -2.17 -3.49 38.03
N GLY A 639 -1.24 -2.58 37.74
CA GLY A 639 0.15 -2.78 38.09
C GLY A 639 0.96 -3.47 37.01
N LYS A 717 20.37 -13.55 -12.88
CA LYS A 717 19.11 -13.55 -13.61
C LYS A 717 18.11 -14.52 -13.00
N LEU A 718 16.83 -14.20 -13.12
CA LEU A 718 15.78 -15.07 -12.60
C LEU A 718 15.62 -16.30 -13.49
N ALA A 719 15.23 -17.41 -12.87
CA ALA A 719 15.06 -18.67 -13.59
C ALA A 719 13.91 -18.55 -14.59
N PHE A 720 14.09 -19.11 -15.78
CA PHE A 720 13.08 -19.04 -16.83
C PHE A 720 12.55 -20.40 -17.25
N LYS A 721 13.33 -21.47 -17.07
CA LYS A 721 12.83 -22.80 -17.42
C LYS A 721 11.65 -23.18 -16.53
N ASP A 722 11.81 -23.03 -15.22
CA ASP A 722 10.70 -23.30 -14.31
C ASP A 722 9.56 -22.32 -14.52
N GLN A 723 9.88 -21.09 -14.92
CA GLN A 723 8.82 -20.11 -15.22
C GLN A 723 7.97 -20.57 -16.40
N ALA A 724 8.62 -21.04 -17.47
CA ALA A 724 7.90 -21.55 -18.62
C ALA A 724 7.10 -22.81 -18.27
N ASN A 725 7.68 -23.67 -17.43
CA ASN A 725 6.92 -24.83 -16.95
C ASN A 725 5.70 -24.39 -16.17
N SER A 726 5.81 -23.31 -15.40
CA SER A 726 4.69 -22.79 -14.65
C SER A 726 3.60 -22.23 -15.58
N PHE A 727 4.00 -21.53 -16.64
CA PHE A 727 3.00 -21.12 -17.64
C PHE A 727 2.33 -22.33 -18.26
N TRP A 728 3.09 -23.39 -18.55
CA TRP A 728 2.50 -24.60 -19.11
C TRP A 728 1.47 -25.20 -18.16
N ARG A 729 1.82 -25.29 -16.87
CA ARG A 729 0.89 -25.83 -15.89
C ARG A 729 -0.36 -24.96 -15.76
N LEU A 730 -0.18 -23.64 -15.76
CA LEU A 730 -1.32 -22.74 -15.64
C LEU A 730 -2.25 -22.85 -16.85
N ALA A 731 -1.67 -22.94 -18.05
CA ALA A 731 -2.49 -23.12 -19.25
C ALA A 731 -3.19 -24.47 -19.22
N LYS A 732 -2.56 -25.48 -18.65
CA LYS A 732 -3.25 -26.76 -18.44
C LYS A 732 -4.39 -26.63 -17.45
N MET A 733 -4.25 -25.73 -16.46
CA MET A 733 -5.28 -25.59 -15.44
C MET A 733 -6.59 -25.08 -16.03
N ASN A 734 -6.52 -24.10 -16.93
CA ASN A 734 -7.71 -23.54 -17.57
C ASN A 734 -7.95 -24.14 -18.95
N SER A 735 -7.69 -25.44 -19.09
CA SER A 735 -7.88 -26.10 -20.38
C SER A 735 -9.32 -25.98 -20.93
N PRO A 736 -10.39 -26.10 -20.14
CA PRO A 736 -11.73 -26.07 -20.74
C PRO A 736 -12.03 -24.79 -21.52
N GLU A 737 -11.31 -23.71 -21.26
CA GLU A 737 -11.55 -22.45 -21.95
C GLU A 737 -10.68 -22.24 -23.18
N TRP A 738 -9.79 -23.20 -23.49
CA TRP A 738 -8.91 -23.02 -24.66
C TRP A 738 -9.69 -22.65 -25.91
N LYS A 739 -10.78 -23.38 -26.18
CA LYS A 739 -11.57 -23.09 -27.36
C LYS A 739 -11.93 -21.61 -27.42
N TYR A 740 -12.48 -21.09 -26.32
CA TYR A 740 -12.75 -19.66 -26.22
C TYR A 740 -11.53 -18.86 -26.65
N ALA A 741 -10.42 -19.03 -25.92
CA ALA A 741 -9.20 -18.32 -26.26
C ALA A 741 -8.82 -18.57 -27.70
N LEU A 742 -8.89 -19.83 -28.13
CA LEU A 742 -8.52 -20.17 -29.50
C LEU A 742 -9.32 -19.32 -30.48
N LEU A 743 -10.64 -19.27 -30.30
CA LEU A 743 -11.45 -18.47 -31.19
C LEU A 743 -11.03 -17.01 -31.13
N GLY A 744 -10.86 -16.50 -29.91
CA GLY A 744 -10.39 -15.13 -29.77
C GLY A 744 -9.05 -14.94 -30.44
N SER A 745 -8.15 -15.92 -30.32
CA SER A 745 -6.86 -15.84 -30.98
C SER A 745 -7.04 -15.57 -32.47
N VAL A 746 -7.97 -16.30 -33.10
CA VAL A 746 -8.20 -16.11 -34.53
C VAL A 746 -8.54 -14.65 -34.80
N GLY A 747 -9.51 -14.11 -34.03
CA GLY A 747 -9.84 -12.71 -34.20
C GLY A 747 -8.64 -11.81 -34.03
N SER A 748 -7.83 -12.09 -33.00
CA SER A 748 -6.61 -11.32 -32.78
C SER A 748 -5.77 -11.30 -34.04
N VAL A 749 -5.51 -12.48 -34.63
CA VAL A 749 -4.71 -12.53 -35.84
C VAL A 749 -5.32 -11.64 -36.92
N ILE A 750 -6.63 -11.78 -37.13
CA ILE A 750 -7.28 -10.99 -38.16
C ILE A 750 -7.07 -9.51 -37.89
N CYS A 751 -7.25 -9.10 -36.62
CA CYS A 751 -7.07 -7.69 -36.29
C CYS A 751 -5.69 -7.21 -36.71
N GLY A 752 -4.65 -7.99 -36.37
CA GLY A 752 -3.31 -7.60 -36.77
C GLY A 752 -3.20 -7.43 -38.27
N SER A 753 -3.71 -8.41 -39.02
CA SER A 753 -3.67 -8.31 -40.47
C SER A 753 -4.34 -7.04 -40.93
N LEU A 754 -5.49 -6.71 -40.33
CA LEU A 754 -6.22 -5.51 -40.76
C LEU A 754 -5.33 -4.29 -40.66
N SER A 755 -4.58 -4.16 -39.56
CA SER A 755 -3.69 -3.02 -39.41
C SER A 755 -2.74 -2.94 -40.59
N ALA A 756 -2.09 -4.06 -40.93
CA ALA A 756 -1.19 -4.07 -42.06
C ALA A 756 -1.89 -3.60 -43.32
N PHE A 757 -3.10 -4.12 -43.56
CA PHE A 757 -3.84 -3.74 -44.75
C PHE A 757 -4.00 -2.23 -44.80
N PHE A 758 -4.40 -1.63 -43.68
CA PHE A 758 -4.55 -0.18 -43.63
C PHE A 758 -3.27 0.50 -44.11
N ALA A 759 -2.14 0.11 -43.52
CA ALA A 759 -0.86 0.68 -43.94
C ALA A 759 -0.69 0.52 -45.44
N TYR A 760 -0.85 -0.71 -45.94
CA TYR A 760 -0.69 -0.96 -47.35
C TYR A 760 -1.57 -0.01 -48.16
N VAL A 761 -2.85 0.10 -47.78
CA VAL A 761 -3.77 0.94 -48.52
C VAL A 761 -3.22 2.34 -48.63
N LEU A 762 -2.78 2.91 -47.50
CA LEU A 762 -2.24 4.27 -47.53
C LEU A 762 -1.13 4.36 -48.55
N SER A 763 -0.15 3.47 -48.44
CA SER A 763 0.96 3.49 -49.39
C SER A 763 0.45 3.34 -50.81
N ALA A 764 -0.47 2.39 -51.03
CA ALA A 764 -1.04 2.21 -52.35
C ALA A 764 -1.65 3.51 -52.84
N VAL A 765 -2.47 4.15 -52.00
CA VAL A 765 -3.10 5.40 -52.41
C VAL A 765 -2.04 6.43 -52.76
N LEU A 766 -0.97 6.49 -51.94
CA LEU A 766 0.10 7.43 -52.22
C LEU A 766 0.65 7.22 -53.62
N SER A 767 0.89 5.95 -53.99
CA SER A 767 1.39 5.67 -55.33
C SER A 767 0.39 6.13 -56.39
N VAL A 768 -0.90 5.86 -56.15
CA VAL A 768 -1.91 6.27 -57.12
C VAL A 768 -1.94 7.79 -57.23
N TYR A 769 -1.51 8.49 -56.18
CA TYR A 769 -1.44 9.95 -56.26
C TYR A 769 -0.47 10.40 -57.33
N TYR A 770 0.63 9.67 -57.53
CA TYR A 770 1.62 10.02 -58.54
C TYR A 770 1.44 9.19 -59.80
N ASN A 771 0.30 9.42 -60.46
CA ASN A 771 -0.03 8.72 -61.69
C ASN A 771 -0.64 9.70 -62.69
N PRO A 772 -0.03 9.88 -63.87
CA PRO A 772 -0.58 10.82 -64.85
C PRO A 772 -1.98 10.46 -65.33
N ASP A 773 -2.31 9.17 -65.42
CA ASP A 773 -3.62 8.74 -65.89
C ASP A 773 -4.68 9.08 -64.85
N HIS A 774 -5.52 10.06 -65.15
CA HIS A 774 -6.50 10.52 -64.18
C HIS A 774 -7.60 9.49 -63.94
N GLU A 775 -8.14 8.91 -65.01
CA GLU A 775 -9.25 7.96 -64.86
C GLU A 775 -8.82 6.71 -64.10
N TYR A 776 -7.62 6.21 -64.40
CA TYR A 776 -7.09 5.08 -63.64
C TYR A 776 -6.94 5.44 -62.17
N MET A 777 -6.52 6.68 -61.89
CA MET A 777 -6.46 7.15 -60.52
C MET A 777 -7.83 7.15 -59.86
N ILE A 778 -8.87 7.58 -60.59
CA ILE A 778 -10.22 7.58 -60.04
C ILE A 778 -10.63 6.17 -59.67
N LYS A 779 -10.44 5.22 -60.59
CA LYS A 779 -10.85 3.85 -60.35
C LYS A 779 -10.10 3.26 -59.16
N GLN A 780 -8.78 3.46 -59.11
CA GLN A 780 -8.00 2.90 -58.02
C GLN A 780 -8.38 3.52 -56.68
N ILE A 781 -8.61 4.83 -56.65
CA ILE A 781 -8.97 5.49 -55.40
C ILE A 781 -10.33 5.00 -54.91
N ASP A 782 -11.30 4.86 -55.82
CA ASP A 782 -12.61 4.35 -55.42
C ASP A 782 -12.49 2.93 -54.89
N LYS A 783 -11.71 2.08 -55.56
CA LYS A 783 -11.52 0.71 -55.10
C LYS A 783 -10.91 0.69 -53.70
N TYR A 784 -9.88 1.51 -53.48
CA TYR A 784 -9.22 1.51 -52.18
C TYR A 784 -10.11 2.06 -51.09
N CYS A 785 -10.95 3.06 -51.42
CA CYS A 785 -11.89 3.58 -50.43
C CYS A 785 -12.93 2.55 -50.04
N TYR A 786 -13.48 1.83 -51.02
CA TYR A 786 -14.44 0.77 -50.70
C TYR A 786 -13.79 -0.32 -49.87
N LEU A 787 -12.58 -0.72 -50.23
CA LEU A 787 -11.88 -1.75 -49.46
C LEU A 787 -11.58 -1.26 -48.05
N LEU A 788 -11.31 0.04 -47.90
CA LEU A 788 -11.05 0.60 -46.58
C LEU A 788 -12.31 0.60 -45.72
N ILE A 789 -13.46 0.88 -46.32
CA ILE A 789 -14.72 0.81 -45.57
C ILE A 789 -14.99 -0.62 -45.12
N GLY A 790 -14.76 -1.57 -46.02
CA GLY A 790 -14.88 -2.97 -45.64
C GLY A 790 -13.96 -3.35 -44.50
N LEU A 791 -12.71 -2.88 -44.56
CA LEU A 791 -11.78 -3.12 -43.47
C LEU A 791 -12.26 -2.47 -42.18
N SER A 792 -12.91 -1.32 -42.27
CA SER A 792 -13.43 -0.66 -41.07
C SER A 792 -14.49 -1.52 -40.39
N SER A 793 -15.44 -2.03 -41.18
CA SER A 793 -16.46 -2.91 -40.61
C SER A 793 -15.84 -4.17 -40.02
N ALA A 794 -14.90 -4.78 -40.74
CA ALA A 794 -14.25 -5.98 -40.25
C ALA A 794 -13.47 -5.68 -38.97
N ALA A 795 -12.81 -4.53 -38.90
CA ALA A 795 -12.05 -4.16 -37.72
C ALA A 795 -12.97 -3.99 -36.51
N LEU A 796 -14.11 -3.33 -36.69
CA LEU A 796 -15.06 -3.20 -35.61
C LEU A 796 -15.48 -4.58 -35.10
N VAL A 797 -15.94 -5.44 -36.01
CA VAL A 797 -16.49 -6.73 -35.59
C VAL A 797 -15.42 -7.58 -34.91
N PHE A 798 -14.23 -7.67 -35.53
CA PHE A 798 -13.22 -8.58 -35.02
C PHE A 798 -12.50 -8.04 -33.81
N ASN A 799 -12.38 -6.71 -33.66
CA ASN A 799 -11.87 -6.16 -32.42
C ASN A 799 -12.81 -6.46 -31.26
N THR A 800 -14.12 -6.27 -31.48
CA THR A 800 -15.08 -6.65 -30.45
C THR A 800 -14.94 -8.12 -30.09
N LEU A 801 -14.88 -8.98 -31.11
CA LEU A 801 -14.77 -10.42 -30.87
C LEU A 801 -13.51 -10.77 -30.08
N GLN A 802 -12.36 -10.26 -30.53
CA GLN A 802 -11.09 -10.58 -29.89
C GLN A 802 -11.08 -10.13 -28.43
N HIS A 803 -11.41 -8.86 -28.18
CA HIS A 803 -11.34 -8.36 -26.81
C HIS A 803 -12.34 -9.08 -25.92
N SER A 804 -13.57 -9.30 -26.41
CA SER A 804 -14.57 -9.98 -25.60
C SER A 804 -14.13 -11.39 -25.22
N PHE A 805 -13.64 -12.16 -26.20
CA PHE A 805 -13.28 -13.53 -25.91
C PHE A 805 -12.04 -13.63 -25.03
N TRP A 806 -11.05 -12.77 -25.27
CA TRP A 806 -9.86 -12.80 -24.45
C TRP A 806 -10.16 -12.40 -23.00
N ASP A 807 -11.02 -11.39 -22.81
CA ASP A 807 -11.39 -11.04 -21.45
C ASP A 807 -12.25 -12.11 -20.81
N ILE A 808 -13.07 -12.81 -21.60
CA ILE A 808 -13.86 -13.91 -21.04
C ILE A 808 -12.94 -15.00 -20.51
N VAL A 809 -11.97 -15.43 -21.31
CA VAL A 809 -11.08 -16.49 -20.86
C VAL A 809 -10.22 -16.02 -19.70
N GLY A 810 -9.78 -14.75 -19.73
CA GLY A 810 -9.01 -14.22 -18.63
C GLY A 810 -9.78 -14.20 -17.32
N GLU A 811 -11.05 -13.76 -17.37
CA GLU A 811 -11.87 -13.74 -16.16
C GLU A 811 -12.15 -15.14 -15.65
N ASN A 812 -12.41 -16.09 -16.56
CA ASN A 812 -12.64 -17.46 -16.14
C ASN A 812 -11.41 -18.03 -15.45
N LEU A 813 -10.23 -17.81 -16.03
CA LEU A 813 -8.99 -18.28 -15.42
C LEU A 813 -8.77 -17.63 -14.06
N THR A 814 -9.06 -16.32 -13.96
CA THR A 814 -8.85 -15.61 -12.71
C THR A 814 -9.76 -16.15 -11.62
N LYS A 815 -11.03 -16.38 -11.95
CA LYS A 815 -11.96 -16.93 -10.96
C LYS A 815 -11.54 -18.32 -10.52
N ARG A 816 -11.14 -19.16 -11.48
CA ARG A 816 -10.69 -20.51 -11.12
C ARG A 816 -9.47 -20.46 -10.21
N VAL A 817 -8.52 -19.59 -10.53
CA VAL A 817 -7.31 -19.46 -9.70
C VAL A 817 -7.68 -18.97 -8.31
N ARG A 818 -8.56 -17.98 -8.22
CA ARG A 818 -8.95 -17.45 -6.91
C ARG A 818 -9.61 -18.52 -6.06
N GLU A 819 -10.50 -19.31 -6.66
CA GLU A 819 -11.13 -20.41 -5.92
C GLU A 819 -10.10 -21.42 -5.47
N LYS A 820 -9.15 -21.77 -6.34
CA LYS A 820 -8.11 -22.73 -5.97
C LYS A 820 -7.28 -22.22 -4.80
N MET A 821 -6.86 -20.95 -4.86
CA MET A 821 -6.06 -20.39 -3.77
C MET A 821 -6.84 -20.34 -2.46
N LEU A 822 -8.11 -19.95 -2.51
CA LEU A 822 -8.89 -19.93 -1.27
C LEU A 822 -9.04 -21.33 -0.70
N SER A 823 -9.30 -22.32 -1.56
CA SER A 823 -9.43 -23.69 -1.08
C SER A 823 -8.13 -24.18 -0.47
N ALA A 824 -6.99 -23.80 -1.06
CA ALA A 824 -5.71 -24.20 -0.50
C ALA A 824 -5.44 -23.51 0.84
N VAL A 825 -5.80 -22.23 0.95
CA VAL A 825 -5.57 -21.50 2.19
C VAL A 825 -6.41 -22.07 3.32
N LEU A 826 -7.70 -22.28 3.07
CA LEU A 826 -8.58 -22.80 4.11
C LEU A 826 -8.19 -24.22 4.55
N LYS A 827 -7.48 -24.96 3.68
CA LYS A 827 -7.01 -26.30 4.01
C LYS A 827 -5.53 -26.20 4.35
N ASN A 828 -5.25 -25.75 5.57
CA ASN A 828 -3.88 -25.55 6.04
C ASN A 828 -3.82 -25.82 7.54
N GLU A 829 -2.72 -25.41 8.16
CA GLU A 829 -2.51 -25.55 9.59
C GLU A 829 -2.86 -24.25 10.30
N MET A 830 -3.23 -24.37 11.58
CA MET A 830 -3.41 -23.17 12.38
C MET A 830 -2.09 -22.46 12.64
N ALA A 831 -1.01 -23.23 12.82
CA ALA A 831 0.30 -22.62 12.97
C ALA A 831 0.69 -21.84 11.72
N TRP A 832 0.28 -22.33 10.55
CA TRP A 832 0.48 -21.59 9.31
C TRP A 832 -0.26 -20.25 9.34
N PHE A 833 -1.47 -20.23 9.90
CA PHE A 833 -2.20 -18.98 10.02
C PHE A 833 -1.58 -18.06 11.08
N ASP A 834 -0.88 -18.63 12.05
CA ASP A 834 -0.28 -17.83 13.11
C ASP A 834 0.93 -17.02 12.64
N GLN A 835 1.56 -17.42 11.53
CA GLN A 835 2.73 -16.72 11.05
C GLN A 835 2.39 -15.30 10.63
N GLU A 836 3.35 -14.39 10.83
CA GLU A 836 3.11 -12.98 10.52
C GLU A 836 2.90 -12.77 9.03
N GLU A 837 3.64 -13.49 8.19
CA GLU A 837 3.48 -13.37 6.74
C GLU A 837 2.09 -13.80 6.30
N ASN A 838 1.45 -14.73 7.02
CA ASN A 838 0.11 -15.20 6.71
C ASN A 838 -0.94 -14.50 7.58
N GLU A 839 -0.71 -13.23 7.88
CA GLU A 839 -1.70 -12.45 8.60
C GLU A 839 -2.91 -12.21 7.71
N SER A 840 -4.06 -11.92 8.34
CA SER A 840 -5.32 -11.82 7.63
C SER A 840 -5.26 -10.76 6.53
N ALA A 841 -4.80 -9.56 6.88
CA ALA A 841 -4.69 -8.50 5.88
C ALA A 841 -3.69 -8.86 4.80
N ARG A 842 -2.57 -9.49 5.19
CA ARG A 842 -1.57 -9.89 4.21
C ARG A 842 -2.13 -10.91 3.23
N ILE A 843 -2.85 -11.91 3.73
CA ILE A 843 -3.46 -12.92 2.85
C ILE A 843 -4.51 -12.28 1.95
N ALA A 844 -5.33 -11.38 2.48
CA ALA A 844 -6.33 -10.73 1.65
C ALA A 844 -5.70 -9.92 0.54
N ALA A 845 -4.66 -9.15 0.86
CA ALA A 845 -3.96 -8.36 -0.16
C ALA A 845 -3.28 -9.26 -1.19
N ARG A 846 -2.69 -10.36 -0.74
CA ARG A 846 -2.04 -11.28 -1.65
C ARG A 846 -3.04 -11.88 -2.62
N LEU A 847 -4.19 -12.32 -2.13
CA LEU A 847 -5.23 -12.86 -3.00
C LEU A 847 -5.73 -11.80 -3.98
N ALA A 848 -5.93 -10.57 -3.50
CA ALA A 848 -6.46 -9.52 -4.37
C ALA A 848 -5.43 -9.03 -5.39
N LEU A 849 -4.14 -9.22 -5.13
CA LEU A 849 -3.11 -8.67 -6.00
C LEU A 849 -2.59 -9.70 -7.00
N ASP A 850 -2.23 -10.89 -6.53
CA ASP A 850 -1.65 -11.89 -7.42
C ASP A 850 -2.63 -12.31 -8.51
N ALA A 851 -3.89 -12.55 -8.16
CA ALA A 851 -4.87 -12.95 -9.16
C ALA A 851 -5.10 -11.85 -10.19
N ASN A 852 -5.16 -10.59 -9.74
CA ASN A 852 -5.34 -9.48 -10.68
C ASN A 852 -4.16 -9.37 -11.63
N ASN A 853 -2.93 -9.53 -11.12
CA ASN A 853 -1.77 -9.49 -12.00
C ASN A 853 -1.81 -10.62 -13.02
N VAL A 854 -2.07 -11.85 -12.54
CA VAL A 854 -2.12 -13.00 -13.43
C VAL A 854 -3.19 -12.81 -14.50
N ARG A 855 -4.32 -12.21 -14.15
CA ARG A 855 -5.34 -11.93 -15.13
C ARG A 855 -4.86 -10.92 -16.16
N SER A 856 -4.59 -9.70 -15.69
CA SER A 856 -4.37 -8.58 -16.59
C SER A 856 -3.16 -8.84 -17.48
N ALA A 857 -2.02 -9.13 -16.87
CA ALA A 857 -0.79 -9.29 -17.65
C ALA A 857 -0.95 -10.37 -18.70
N ILE A 858 -1.37 -11.56 -18.27
CA ILE A 858 -1.41 -12.70 -19.19
C ILE A 858 -2.41 -12.45 -20.31
N GLY A 859 -3.64 -12.08 -19.98
CA GLY A 859 -4.63 -11.91 -21.02
C GLY A 859 -4.28 -10.79 -21.99
N ASP A 860 -3.98 -9.61 -21.46
CA ASP A 860 -3.68 -8.47 -22.32
C ASP A 860 -2.49 -8.77 -23.21
N ARG A 861 -1.39 -9.27 -22.64
CA ARG A 861 -0.20 -9.40 -23.46
C ARG A 861 -0.31 -10.60 -24.41
N ILE A 862 -1.04 -11.65 -24.05
CA ILE A 862 -1.19 -12.74 -25.02
C ILE A 862 -1.99 -12.26 -26.23
N SER A 863 -3.06 -11.48 -25.99
CA SER A 863 -3.82 -10.93 -27.11
C SER A 863 -2.94 -10.02 -27.96
N VAL A 864 -2.18 -9.13 -27.30
CA VAL A 864 -1.36 -8.17 -28.03
C VAL A 864 -0.27 -8.87 -28.81
N ILE A 865 0.40 -9.85 -28.21
CA ILE A 865 1.50 -10.52 -28.88
C ILE A 865 1.00 -11.33 -30.06
N VAL A 866 -0.19 -11.95 -29.94
CA VAL A 866 -0.73 -12.69 -31.07
C VAL A 866 -1.03 -11.74 -32.22
N GLN A 867 -1.71 -10.62 -31.93
CA GLN A 867 -2.08 -9.72 -33.02
C GLN A 867 -0.83 -9.07 -33.64
N ASN A 868 0.17 -8.74 -32.82
CA ASN A 868 1.37 -8.10 -33.34
C ASN A 868 2.25 -9.08 -34.10
N THR A 869 2.28 -10.35 -33.69
CA THR A 869 2.99 -11.35 -34.47
C THR A 869 2.33 -11.56 -35.83
N ALA A 870 0.99 -11.59 -35.86
CA ALA A 870 0.30 -11.69 -37.15
C ALA A 870 0.63 -10.49 -38.03
N LEU A 871 0.59 -9.29 -37.45
CA LEU A 871 0.94 -8.08 -38.20
C LEU A 871 2.36 -8.15 -38.74
N MET A 872 3.30 -8.57 -37.88
CA MET A 872 4.70 -8.67 -38.31
C MET A 872 4.87 -9.65 -39.45
N LEU A 873 4.24 -10.82 -39.35
CA LEU A 873 4.40 -11.84 -40.37
C LEU A 873 3.82 -11.38 -41.71
N VAL A 874 2.60 -10.83 -41.70
CA VAL A 874 2.00 -10.41 -42.95
C VAL A 874 2.76 -9.24 -43.55
N ALA A 875 3.22 -8.32 -42.71
CA ALA A 875 3.99 -7.18 -43.19
C ALA A 875 5.31 -7.63 -43.81
N CYS A 876 6.01 -8.55 -43.14
CA CYS A 876 7.29 -9.03 -43.66
C CYS A 876 7.11 -9.75 -44.99
N THR A 877 6.11 -10.63 -45.09
CA THR A 877 5.93 -11.35 -46.35
C THR A 877 5.53 -10.40 -47.48
N ALA A 878 4.66 -9.42 -47.19
CA ALA A 878 4.27 -8.46 -48.22
C ALA A 878 5.47 -7.65 -48.69
N GLY A 879 6.25 -7.12 -47.75
CA GLY A 879 7.42 -6.34 -48.12
C GLY A 879 8.42 -7.15 -48.92
N PHE A 880 8.62 -8.41 -48.53
CA PHE A 880 9.60 -9.24 -49.24
C PHE A 880 9.13 -9.52 -50.66
N VAL A 881 7.88 -9.98 -50.83
CA VAL A 881 7.40 -10.31 -52.17
C VAL A 881 7.31 -9.07 -53.04
N LEU A 882 7.17 -7.88 -52.46
CA LEU A 882 7.21 -6.66 -53.27
C LEU A 882 8.64 -6.34 -53.68
N GLN A 883 9.53 -6.13 -52.71
CA GLN A 883 10.94 -5.84 -53.04
C GLN A 883 11.81 -6.36 -51.89
N TRP A 884 12.25 -7.61 -52.03
CA TRP A 884 13.00 -8.25 -50.94
C TRP A 884 14.30 -7.53 -50.60
N ARG A 885 14.95 -6.85 -51.55
CA ARG A 885 16.16 -6.11 -51.18
C ARG A 885 15.86 -5.02 -50.16
N LEU A 886 14.89 -4.16 -50.46
CA LEU A 886 14.53 -3.10 -49.53
C LEU A 886 13.94 -3.68 -48.24
N ALA A 887 13.17 -4.76 -48.36
CA ALA A 887 12.60 -5.38 -47.16
C ALA A 887 13.70 -5.89 -46.23
N LEU A 888 14.72 -6.53 -46.79
CA LEU A 888 15.83 -7.01 -45.98
C LEU A 888 16.62 -5.86 -45.37
N VAL A 889 16.85 -4.80 -46.13
CA VAL A 889 17.57 -3.65 -45.59
C VAL A 889 16.80 -3.03 -44.44
N LEU A 890 15.48 -2.92 -44.57
CA LEU A 890 14.67 -2.39 -43.48
C LEU A 890 14.64 -3.33 -42.28
N VAL A 891 14.63 -4.64 -42.52
CA VAL A 891 14.71 -5.59 -41.41
C VAL A 891 16.05 -5.47 -40.69
N ALA A 892 17.09 -5.04 -41.40
CA ALA A 892 18.38 -4.82 -40.74
C ALA A 892 18.29 -3.73 -39.68
N VAL A 893 17.56 -2.65 -39.97
CA VAL A 893 17.46 -1.51 -39.05
C VAL A 893 16.23 -1.67 -38.16
N PHE A 894 15.64 -2.87 -38.18
CA PHE A 894 14.46 -3.15 -37.36
C PHE A 894 14.70 -2.95 -35.87
N PRO A 895 15.77 -3.50 -35.25
CA PRO A 895 15.96 -3.28 -33.82
C PRO A 895 16.14 -1.82 -33.45
N VAL A 896 16.77 -1.02 -34.30
CA VAL A 896 16.93 0.40 -34.02
C VAL A 896 15.56 1.07 -33.93
N VAL A 897 14.67 0.75 -34.87
CA VAL A 897 13.34 1.34 -34.88
C VAL A 897 12.55 0.93 -33.65
N VAL A 898 12.61 -0.36 -33.29
CA VAL A 898 11.83 -0.81 -32.14
C VAL A 898 12.38 -0.20 -30.84
N ALA A 899 13.71 -0.04 -30.74
CA ALA A 899 14.28 0.60 -29.57
C ALA A 899 13.86 2.08 -29.49
N ALA A 900 13.91 2.78 -30.61
CA ALA A 900 13.49 4.18 -30.59
C ALA A 900 12.03 4.31 -30.20
N THR A 901 11.17 3.43 -30.71
CA THR A 901 9.75 3.53 -30.39
C THR A 901 9.48 3.17 -28.94
N VAL A 902 10.18 2.18 -28.38
CA VAL A 902 9.97 1.84 -26.98
C VAL A 902 10.47 2.97 -26.07
N LEU A 903 11.55 3.64 -26.45
CA LEU A 903 11.96 4.84 -25.72
C LEU A 903 10.93 5.95 -25.85
N GLN A 904 10.28 6.07 -27.01
CA GLN A 904 9.21 7.05 -27.15
C GLN A 904 8.05 6.76 -26.19
N LYS A 905 7.67 5.47 -26.09
CA LYS A 905 6.62 5.11 -25.14
C LYS A 905 7.03 5.40 -23.70
N MET A 906 8.28 5.09 -23.35
CA MET A 906 8.75 5.39 -22.01
C MET A 906 8.74 6.89 -21.74
N PHE A 907 9.12 7.69 -22.73
CA PHE A 907 9.09 9.14 -22.58
C PHE A 907 7.67 9.64 -22.35
N MET A 908 6.70 9.10 -23.09
CA MET A 908 5.32 9.49 -22.86
C MET A 908 4.87 9.09 -21.46
N THR A 909 5.27 7.91 -20.99
CA THR A 909 4.92 7.50 -19.63
C THR A 909 5.59 8.39 -18.60
N GLY A 910 6.87 8.70 -18.79
CA GLY A 910 7.61 9.51 -17.83
C GLY A 910 8.95 8.91 -17.48
N PHE A 911 10.00 9.74 -17.49
CA PHE A 911 11.36 9.27 -17.25
C PHE A 911 11.78 9.39 -15.79
N SER A 912 10.91 9.85 -14.91
CA SER A 912 11.17 9.89 -13.49
C SER A 912 10.37 8.79 -12.82
N GLY A 913 11.05 7.94 -12.06
CA GLY A 913 10.42 6.80 -11.43
C GLY A 913 9.56 7.17 -10.24
N ASP A 914 9.48 6.28 -9.25
CA ASP A 914 8.71 6.54 -8.05
C ASP A 914 9.39 7.67 -7.27
N LEU A 915 8.76 8.85 -7.27
CA LEU A 915 9.35 10.01 -6.62
C LEU A 915 9.43 9.81 -5.11
N GLU A 916 8.38 9.26 -4.51
CA GLU A 916 8.38 9.07 -3.06
C GLU A 916 9.39 8.01 -2.64
N ALA A 917 9.65 7.02 -3.49
CA ALA A 917 10.66 6.01 -3.16
C ALA A 917 12.06 6.58 -3.18
N ALA A 918 12.29 7.63 -3.98
CA ALA A 918 13.62 8.24 -4.02
C ALA A 918 13.97 8.90 -2.68
N HIS A 919 13.01 9.56 -2.06
CA HIS A 919 13.23 10.25 -0.78
C HIS A 919 12.62 9.48 0.39
N ALA A 920 12.67 8.15 0.35
CA ALA A 920 12.07 7.36 1.42
C ALA A 920 12.75 7.62 2.76
N LYS A 921 14.08 7.63 2.77
CA LYS A 921 14.81 7.83 4.01
C LYS A 921 14.56 9.21 4.59
N GLY A 922 14.67 10.25 3.77
CA GLY A 922 14.38 11.59 4.24
C GLY A 922 12.94 11.74 4.70
N THR A 923 12.00 11.15 3.96
CA THR A 923 10.59 11.25 4.34
C THR A 923 10.34 10.61 5.69
N GLN A 924 10.89 9.41 5.92
CA GLN A 924 10.64 8.75 7.20
C GLN A 924 11.36 9.46 8.33
N LEU A 925 12.56 10.02 8.08
CA LEU A 925 13.22 10.80 9.13
C LEU A 925 12.41 12.03 9.49
N ALA A 926 11.88 12.73 8.48
CA ALA A 926 11.07 13.91 8.75
C ALA A 926 9.79 13.54 9.48
N GLY A 927 9.16 12.44 9.10
CA GLY A 927 7.96 12.00 9.80
C GLY A 927 8.23 11.66 11.25
N GLU A 928 9.33 10.95 11.51
CA GLU A 928 9.70 10.64 12.89
C GLU A 928 10.00 11.90 13.69
N ALA A 929 10.70 12.86 13.09
CA ALA A 929 11.01 14.10 13.80
C ALA A 929 9.74 14.90 14.10
N ILE A 930 8.81 14.97 13.15
CA ILE A 930 7.60 15.76 13.36
C ILE A 930 6.69 15.07 14.37
N ALA A 931 6.56 13.75 14.30
CA ALA A 931 5.73 13.03 15.26
C ALA A 931 6.25 13.15 16.67
N ASN A 932 7.55 13.43 16.84
CA ASN A 932 8.17 13.61 18.15
C ASN A 932 8.67 15.03 18.32
N VAL A 933 7.84 16.01 17.91
CA VAL A 933 8.25 17.40 17.95
C VAL A 933 8.57 17.85 19.37
N ARG A 934 7.91 17.24 20.37
CA ARG A 934 8.22 17.58 21.75
C ARG A 934 9.65 17.21 22.10
N THR A 935 10.10 16.03 21.68
CA THR A 935 11.49 15.62 21.92
C THR A 935 12.47 16.51 21.18
N VAL A 936 12.14 16.87 19.94
CA VAL A 936 13.03 17.72 19.15
C VAL A 936 13.18 19.08 19.80
N ALA A 937 12.06 19.66 20.24
CA ALA A 937 12.12 20.98 20.87
C ALA A 937 12.76 20.92 22.24
N ALA A 938 12.64 19.79 22.94
CA ALA A 938 13.21 19.68 24.28
C ALA A 938 14.73 19.76 24.25
N PHE A 939 15.35 19.15 23.23
CA PHE A 939 16.81 19.08 23.15
C PHE A 939 17.39 20.12 22.19
N ASN A 940 16.57 21.03 21.68
CA ASN A 940 17.02 22.06 20.73
C ASN A 940 17.70 21.42 19.53
N SER A 941 17.08 20.38 18.99
CA SER A 941 17.67 19.57 17.93
C SER A 941 17.12 19.90 16.55
N GLU A 942 16.43 21.03 16.40
CA GLU A 942 15.86 21.39 15.10
C GLU A 942 16.95 21.57 14.05
N ALA A 943 18.03 22.26 14.40
CA ALA A 943 19.13 22.46 13.46
C ALA A 943 19.78 21.13 13.08
N LYS A 944 20.01 20.25 14.06
CA LYS A 944 20.59 18.96 13.76
C LYS A 944 19.67 18.13 12.86
N ILE A 945 18.37 18.17 13.13
CA ILE A 945 17.43 17.39 12.34
C ILE A 945 17.39 17.91 10.91
N VAL A 946 17.36 19.23 10.72
CA VAL A 946 17.32 19.75 9.35
C VAL A 946 18.64 19.48 8.63
N ARG A 947 19.77 19.51 9.33
CA ARG A 947 21.04 19.16 8.70
C ARG A 947 21.06 17.72 8.27
N LEU A 948 20.55 16.82 9.12
CA LEU A 948 20.45 15.41 8.73
C LEU A 948 19.51 15.24 7.55
N TYR A 949 18.43 16.02 7.51
CA TYR A 949 17.51 15.96 6.38
C TYR A 949 18.20 16.35 5.07
N THR A 950 18.98 17.43 5.11
CA THR A 950 19.72 17.83 3.90
C THR A 950 20.73 16.77 3.50
N ALA A 951 21.43 16.19 4.49
CA ALA A 951 22.41 15.15 4.19
C ALA A 951 21.75 13.91 3.59
N ASN A 952 20.54 13.60 4.02
CA ASN A 952 19.80 12.48 3.46
C ASN A 952 19.22 12.78 2.09
N LEU A 953 18.92 14.06 1.80
CA LEU A 953 18.31 14.43 0.54
C LEU A 953 19.32 14.70 -0.57
N GLU A 954 20.58 14.97 -0.23
CA GLU A 954 21.58 15.22 -1.26
C GLU A 954 21.82 14.04 -2.19
N PRO A 955 22.02 12.80 -1.71
CA PRO A 955 22.27 11.67 -2.63
C PRO A 955 21.11 11.46 -3.61
N PRO A 956 19.84 11.57 -3.17
CA PRO A 956 18.76 11.53 -4.17
C PRO A 956 18.87 12.63 -5.21
N LEU A 957 19.33 13.82 -4.83
CA LEU A 957 19.48 14.89 -5.81
C LEU A 957 20.53 14.54 -6.85
N LYS A 958 21.68 14.02 -6.41
CA LYS A 958 22.72 13.64 -7.35
C LYS A 958 22.26 12.49 -8.24
N ARG A 959 21.59 11.50 -7.66
CA ARG A 959 21.08 10.39 -8.44
C ARG A 959 20.06 10.84 -9.47
N CYS A 960 19.20 11.79 -9.09
CA CYS A 960 18.21 12.32 -10.03
C CYS A 960 18.89 13.07 -11.17
N PHE A 961 19.93 13.85 -10.87
CA PHE A 961 20.65 14.56 -11.93
C PHE A 961 21.25 13.57 -12.91
N TRP A 962 21.95 12.54 -12.40
CA TRP A 962 22.60 11.59 -13.29
C TRP A 962 21.58 10.78 -14.08
N LYS A 963 20.46 10.40 -13.44
CA LYS A 963 19.41 9.68 -14.15
C LYS A 963 18.82 10.52 -15.27
N GLY A 964 18.58 11.80 -15.00
CA GLY A 964 18.07 12.68 -16.04
C GLY A 964 19.03 12.82 -17.21
N GLN A 965 20.31 12.98 -16.91
CA GLN A 965 21.29 13.09 -17.99
C GLN A 965 21.34 11.83 -18.83
N ILE A 966 21.37 10.66 -18.17
CA ILE A 966 21.44 9.40 -18.88
C ILE A 966 20.20 9.20 -19.74
N ALA A 967 19.02 9.47 -19.17
CA ALA A 967 17.78 9.27 -19.90
C ALA A 967 17.69 10.20 -21.10
N GLY A 968 18.05 11.46 -20.92
CA GLY A 968 18.03 12.39 -22.05
C GLY A 968 18.97 11.97 -23.16
N SER A 969 20.21 11.61 -22.79
CA SER A 969 21.17 11.20 -23.81
C SER A 969 20.70 9.95 -24.54
N GLY A 970 20.19 8.95 -23.80
CA GLY A 970 19.75 7.72 -24.45
C GLY A 970 18.56 7.94 -25.36
N TYR A 971 17.57 8.73 -24.91
CA TYR A 971 16.42 9.00 -25.74
C TYR A 971 16.81 9.76 -27.01
N GLY A 972 17.69 10.76 -26.87
CA GLY A 972 18.13 11.49 -28.05
C GLY A 972 18.89 10.62 -29.02
N VAL A 973 19.76 9.74 -28.51
CA VAL A 973 20.50 8.83 -29.39
C VAL A 973 19.54 7.89 -30.12
N ALA A 974 18.55 7.36 -29.40
CA ALA A 974 17.58 6.47 -30.04
C ALA A 974 16.81 7.18 -31.13
N GLN A 975 16.37 8.41 -30.88
CA GLN A 975 15.62 9.15 -31.90
C GLN A 975 16.51 9.47 -33.11
N PHE A 976 17.76 9.86 -32.86
CA PHE A 976 18.66 10.14 -33.97
C PHE A 976 18.89 8.89 -34.82
N CYS A 977 19.08 7.73 -34.18
CA CYS A 977 19.25 6.49 -34.92
C CYS A 977 17.99 6.13 -35.70
N LEU A 978 16.82 6.40 -35.13
CA LEU A 978 15.58 6.15 -35.84
C LEU A 978 15.49 6.97 -37.12
N TYR A 979 15.80 8.27 -37.02
CA TYR A 979 15.70 9.11 -38.20
C TYR A 979 16.80 8.79 -39.21
N ALA A 980 17.97 8.37 -38.73
CA ALA A 980 19.01 7.90 -39.64
C ALA A 980 18.55 6.66 -40.39
N SER A 981 17.88 5.74 -39.70
CA SER A 981 17.34 4.56 -40.35
C SER A 981 16.30 4.92 -41.41
N TYR A 982 15.42 5.88 -41.08
CA TYR A 982 14.44 6.34 -42.07
C TYR A 982 15.12 6.90 -43.30
N ALA A 983 16.13 7.76 -43.10
CA ALA A 983 16.83 8.37 -44.22
C ALA A 983 17.54 7.32 -45.05
N LEU A 984 18.19 6.35 -44.39
CA LEU A 984 18.89 5.29 -45.12
C LEU A 984 17.92 4.46 -45.94
N GLY A 985 16.75 4.14 -45.37
CA GLY A 985 15.76 3.37 -46.10
C GLY A 985 15.27 4.09 -47.35
N LEU A 986 14.93 5.38 -47.19
CA LEU A 986 14.48 6.14 -48.36
C LEU A 986 15.58 6.27 -49.40
N TRP A 987 16.82 6.51 -48.97
CA TRP A 987 17.91 6.63 -49.93
C TRP A 987 18.14 5.32 -50.67
N TYR A 988 18.06 4.19 -49.96
CA TYR A 988 18.25 2.91 -50.64
C TYR A 988 17.11 2.64 -51.61
N ALA A 989 15.89 3.03 -51.26
CA ALA A 989 14.79 2.88 -52.20
C ALA A 989 15.03 3.71 -53.46
N SER A 990 15.50 4.94 -53.28
CA SER A 990 15.78 5.78 -54.45
C SER A 990 16.92 5.20 -55.28
N TRP A 991 17.94 4.65 -54.63
CA TRP A 991 19.04 4.02 -55.36
C TRP A 991 18.55 2.80 -56.15
N LEU A 992 17.67 2.00 -55.55
CA LEU A 992 17.10 0.85 -56.25
C LEU A 992 16.30 1.30 -57.46
N VAL A 993 15.50 2.35 -57.31
CA VAL A 993 14.73 2.85 -58.45
C VAL A 993 15.67 3.39 -59.53
N LYS A 994 16.76 4.06 -59.13
CA LYS A 994 17.67 4.64 -60.10
C LYS A 994 18.33 3.57 -60.96
N HIS A 995 18.69 2.43 -60.37
CA HIS A 995 19.32 1.34 -61.09
C HIS A 995 18.32 0.45 -61.82
N GLY A 996 17.05 0.83 -61.82
CA GLY A 996 16.03 0.05 -62.51
C GLY A 996 15.63 -1.23 -61.82
N ILE A 997 16.08 -1.45 -60.58
CA ILE A 997 15.75 -2.68 -59.88
C ILE A 997 14.28 -2.71 -59.50
N SER A 998 13.75 -1.59 -59.02
CA SER A 998 12.38 -1.54 -58.52
C SER A 998 11.72 -0.26 -59.01
N ASP A 999 10.56 0.06 -58.43
CA ASP A 999 9.78 1.21 -58.80
C ASP A 999 9.38 1.99 -57.55
N PHE A 1000 8.85 3.19 -57.76
CA PHE A 1000 8.46 4.04 -56.64
C PHE A 1000 7.36 3.40 -55.80
N SER A 1001 6.36 2.82 -56.46
CA SER A 1001 5.20 2.28 -55.73
C SER A 1001 5.61 1.12 -54.84
N LYS A 1002 6.35 0.16 -55.37
CA LYS A 1002 6.74 -1.00 -54.59
C LYS A 1002 7.60 -0.60 -53.40
N THR A 1003 8.55 0.31 -53.62
CA THR A 1003 9.43 0.75 -52.55
C THR A 1003 8.67 1.48 -51.46
N ILE A 1004 7.74 2.37 -51.84
CA ILE A 1004 7.00 3.11 -50.83
C ILE A 1004 6.09 2.16 -50.04
N ARG A 1005 5.50 1.18 -50.72
CA ARG A 1005 4.67 0.20 -50.02
C ARG A 1005 5.49 -0.58 -49.01
N VAL A 1006 6.66 -1.07 -49.43
CA VAL A 1006 7.52 -1.82 -48.53
C VAL A 1006 7.90 -0.97 -47.32
N PHE A 1007 8.28 0.29 -47.57
CA PHE A 1007 8.72 1.15 -46.48
C PHE A 1007 7.61 1.35 -45.45
N MET A 1008 6.42 1.77 -45.90
CA MET A 1008 5.35 2.04 -44.96
C MET A 1008 4.94 0.79 -44.19
N VAL A 1009 4.80 -0.34 -44.89
CA VAL A 1009 4.35 -1.56 -44.23
C VAL A 1009 5.36 -2.02 -43.20
N LEU A 1010 6.66 -1.97 -43.55
CA LEU A 1010 7.68 -2.38 -42.60
C LEU A 1010 7.74 -1.47 -41.38
N MET A 1011 7.57 -0.15 -41.59
CA MET A 1011 7.58 0.75 -40.44
C MET A 1011 6.42 0.47 -39.49
N VAL A 1012 5.23 0.19 -40.06
CA VAL A 1012 4.09 -0.16 -39.20
C VAL A 1012 4.36 -1.45 -38.43
N SER A 1013 4.97 -2.43 -39.10
CA SER A 1013 5.32 -3.68 -38.40
C SER A 1013 6.30 -3.41 -37.26
N ALA A 1014 7.28 -2.55 -37.49
CA ALA A 1014 8.24 -2.22 -36.44
C ALA A 1014 7.54 -1.54 -35.26
N ASN A 1015 6.58 -0.67 -35.54
CA ASN A 1015 5.82 -0.05 -34.45
C ASN A 1015 5.08 -1.09 -33.62
N GLY A 1016 4.44 -2.05 -34.29
CA GLY A 1016 3.75 -3.11 -33.55
C GLY A 1016 4.70 -3.94 -32.69
N ALA A 1017 5.87 -4.26 -33.24
CA ALA A 1017 6.87 -5.00 -32.46
C ALA A 1017 7.31 -4.20 -31.24
N ALA A 1018 7.48 -2.89 -31.40
CA ALA A 1018 7.84 -2.04 -30.26
C ALA A 1018 6.74 -2.06 -29.20
N GLU A 1019 5.48 -2.07 -29.62
CA GLU A 1019 4.39 -2.17 -28.65
C GLU A 1019 4.48 -3.47 -27.86
N THR A 1020 4.76 -4.59 -28.54
CA THR A 1020 4.92 -5.85 -27.83
C THR A 1020 6.10 -5.79 -26.85
N LEU A 1021 7.21 -5.20 -27.30
CA LEU A 1021 8.38 -5.11 -26.44
C LEU A 1021 8.11 -4.29 -25.19
N THR A 1022 7.37 -3.18 -25.33
CA THR A 1022 7.07 -2.36 -24.16
C THR A 1022 6.00 -2.98 -23.28
N LEU A 1023 5.18 -3.91 -23.80
CA LEU A 1023 4.26 -4.64 -22.93
C LEU A 1023 4.90 -5.83 -22.24
N ALA A 1024 6.08 -6.26 -22.68
CA ALA A 1024 6.77 -7.38 -22.03
C ALA A 1024 6.97 -7.25 -20.51
N PRO A 1025 7.33 -6.08 -19.94
CA PRO A 1025 7.49 -6.02 -18.48
C PRO A 1025 6.25 -6.45 -17.70
N ASP A 1026 5.06 -6.18 -18.23
CA ASP A 1026 3.85 -6.73 -17.62
C ASP A 1026 3.88 -8.25 -17.63
N PHE A 1027 4.43 -8.85 -18.69
CA PHE A 1027 4.59 -10.30 -18.71
C PHE A 1027 5.51 -10.77 -17.60
N ILE A 1028 6.61 -10.04 -17.36
CA ILE A 1028 7.52 -10.43 -16.28
C ILE A 1028 6.82 -10.36 -14.94
N LYS A 1029 6.08 -9.26 -14.71
CA LYS A 1029 5.37 -9.10 -13.44
C LYS A 1029 4.32 -10.19 -13.24
N GLY A 1030 3.56 -10.49 -14.30
CA GLY A 1030 2.58 -11.55 -14.21
C GLY A 1030 3.21 -12.91 -13.97
N GLY A 1031 4.38 -13.13 -14.56
CA GLY A 1031 5.09 -14.38 -14.31
C GLY A 1031 5.50 -14.54 -12.86
N GLN A 1032 6.04 -13.48 -12.26
CA GLN A 1032 6.42 -13.58 -10.85
C GLN A 1032 5.20 -13.72 -9.95
N ALA A 1033 4.10 -13.03 -10.29
CA ALA A 1033 2.87 -13.17 -9.51
C ALA A 1033 2.33 -14.59 -9.59
N MET A 1034 2.34 -15.19 -10.78
CA MET A 1034 1.87 -16.56 -10.93
C MET A 1034 2.81 -17.55 -10.26
N ARG A 1035 4.11 -17.25 -10.22
CA ARG A 1035 5.04 -18.07 -9.45
C ARG A 1035 4.66 -18.06 -7.97
N SER A 1036 4.34 -16.89 -7.44
CA SER A 1036 3.86 -16.81 -6.06
C SER A 1036 2.56 -17.60 -5.88
N VAL A 1037 1.66 -17.49 -6.85
CA VAL A 1037 0.39 -18.23 -6.78
C VAL A 1037 0.64 -19.72 -6.69
N PHE A 1038 1.51 -20.24 -7.56
CA PHE A 1038 1.78 -21.68 -7.55
C PHE A 1038 2.57 -22.12 -6.33
N GLU A 1039 3.43 -21.27 -5.78
CA GLU A 1039 4.15 -21.67 -4.57
C GLU A 1039 3.20 -21.72 -3.39
N LEU A 1040 2.20 -20.85 -3.36
CA LEU A 1040 1.18 -20.95 -2.30
C LEU A 1040 0.29 -22.17 -2.53
N LEU A 1041 -0.09 -22.43 -3.78
CA LEU A 1041 -1.04 -23.50 -4.07
C LEU A 1041 -0.44 -24.88 -3.87
N ASP A 1042 0.87 -25.03 -4.12
CA ASP A 1042 1.52 -26.33 -4.01
C ASP A 1042 2.02 -26.64 -2.60
N ARG A 1043 1.82 -25.73 -1.65
CA ARG A 1043 2.24 -25.97 -0.28
C ARG A 1043 1.51 -27.19 0.29
N LYS A 1044 2.26 -28.06 0.96
CA LYS A 1044 1.72 -29.27 1.54
C LYS A 1044 1.48 -29.09 3.03
N THR A 1045 0.43 -29.76 3.53
CA THR A 1045 -0.02 -29.62 4.90
C THR A 1045 0.32 -30.88 5.68
N GLU A 1046 0.90 -30.70 6.87
CA GLU A 1046 1.20 -31.85 7.72
C GLU A 1046 -0.09 -32.51 8.22
N ILE A 1047 -1.14 -31.73 8.43
CA ILE A 1047 -2.46 -32.24 8.77
C ILE A 1047 -3.42 -31.89 7.64
N GLU A 1048 -4.18 -32.89 7.20
CA GLU A 1048 -5.22 -32.66 6.21
C GLU A 1048 -6.59 -32.88 6.84
N PRO A 1049 -7.45 -31.87 6.83
CA PRO A 1049 -8.76 -32.03 7.50
C PRO A 1049 -9.62 -33.13 6.91
N ASP A 1050 -9.54 -33.35 5.59
CA ASP A 1050 -10.34 -34.37 4.93
C ASP A 1050 -9.44 -35.53 4.54
N ASP A 1051 -9.39 -36.54 5.40
CA ASP A 1051 -8.63 -37.74 5.10
C ASP A 1051 -9.51 -38.71 4.31
N PRO A 1052 -9.14 -39.05 3.07
CA PRO A 1052 -10.02 -39.94 2.28
C PRO A 1052 -10.23 -41.31 2.90
N ASP A 1053 -9.23 -41.85 3.58
CA ASP A 1053 -9.32 -43.20 4.14
C ASP A 1053 -9.05 -43.14 5.64
N THR A 1054 -10.00 -43.65 6.42
CA THR A 1054 -9.90 -43.70 7.87
C THR A 1054 -11.00 -44.64 8.37
N THR A 1055 -10.94 -44.98 9.66
CA THR A 1055 -11.95 -45.83 10.25
C THR A 1055 -13.29 -45.10 10.28
N PRO A 1056 -14.40 -45.81 10.09
CA PRO A 1056 -15.69 -45.14 9.97
C PRO A 1056 -16.11 -44.44 11.25
N VAL A 1057 -16.92 -43.40 11.09
CA VAL A 1057 -17.38 -42.60 12.23
C VAL A 1057 -18.62 -43.27 12.85
N PRO A 1058 -18.68 -43.38 14.17
CA PRO A 1058 -19.91 -43.84 14.81
C PRO A 1058 -20.94 -42.72 14.85
N ASP A 1059 -22.21 -43.10 14.65
CA ASP A 1059 -23.28 -42.11 14.69
C ASP A 1059 -23.40 -41.47 16.06
N ARG A 1060 -23.32 -42.27 17.11
CA ARG A 1060 -23.37 -41.79 18.48
C ARG A 1060 -22.00 -41.95 19.14
N LEU A 1061 -21.55 -40.89 19.79
CA LEU A 1061 -20.26 -40.89 20.48
C LEU A 1061 -20.45 -41.14 21.97
N ARG A 1062 -19.40 -41.64 22.60
CA ARG A 1062 -19.42 -41.88 24.04
C ARG A 1062 -18.96 -40.65 24.81
N GLY A 1063 -18.00 -39.90 24.28
CA GLY A 1063 -17.61 -38.63 24.84
C GLY A 1063 -16.35 -38.62 25.68
N GLU A 1064 -15.78 -39.79 25.98
CA GLU A 1064 -14.58 -39.82 26.79
C GLU A 1064 -13.38 -39.33 26.00
N VAL A 1065 -12.51 -38.56 26.66
CA VAL A 1065 -11.31 -38.02 26.07
C VAL A 1065 -10.16 -38.19 27.06
N GLU A 1066 -9.01 -38.63 26.54
CA GLU A 1066 -7.76 -38.61 27.29
C GLU A 1066 -6.75 -37.73 26.55
N LEU A 1067 -5.91 -37.05 27.32
CA LEU A 1067 -4.85 -36.19 26.79
C LEU A 1067 -3.51 -36.70 27.28
N LYS A 1068 -3.25 -37.99 27.10
CA LYS A 1068 -2.15 -38.63 27.81
C LYS A 1068 -0.79 -38.19 27.26
N HIS A 1069 0.10 -37.82 28.18
CA HIS A 1069 1.48 -37.45 27.88
C HIS A 1069 1.57 -36.34 26.84
N ILE A 1070 0.80 -35.28 27.05
CA ILE A 1070 0.84 -34.13 26.15
C ILE A 1070 2.15 -33.37 26.35
N ASP A 1071 2.85 -33.13 25.24
CA ASP A 1071 4.00 -32.24 25.20
C ASP A 1071 3.79 -31.27 24.05
N PHE A 1072 3.34 -30.05 24.36
CA PHE A 1072 2.95 -29.07 23.36
C PHE A 1072 4.01 -27.99 23.27
N SER A 1073 4.61 -27.83 22.09
CA SER A 1073 5.66 -26.85 21.88
C SER A 1073 5.12 -25.46 21.57
N TYR A 1074 3.91 -25.34 21.03
CA TYR A 1074 3.33 -24.08 20.59
C TYR A 1074 4.24 -23.41 19.57
N PRO A 1075 4.32 -23.93 18.35
CA PRO A 1075 5.34 -23.45 17.39
C PRO A 1075 5.25 -21.96 17.07
N SER A 1076 4.22 -21.26 17.53
CA SER A 1076 4.18 -19.81 17.36
C SER A 1076 5.35 -19.14 18.06
N ARG A 1077 5.62 -19.57 19.30
CA ARG A 1077 6.79 -19.12 20.06
C ARG A 1077 7.48 -20.36 20.62
N PRO A 1078 8.29 -21.04 19.80
CA PRO A 1078 8.91 -22.30 20.26
C PRO A 1078 9.84 -22.12 21.46
N ASP A 1079 10.31 -20.90 21.70
CA ASP A 1079 11.17 -20.66 22.85
C ASP A 1079 10.45 -20.92 24.17
N ILE A 1080 9.12 -20.84 24.16
CA ILE A 1080 8.31 -21.10 25.34
C ILE A 1080 7.54 -22.40 25.08
N GLN A 1081 7.72 -23.37 25.97
CA GLN A 1081 7.08 -24.67 25.85
C GLN A 1081 6.11 -24.87 27.02
N ILE A 1082 4.93 -25.40 26.72
CA ILE A 1082 3.87 -25.57 27.72
C ILE A 1082 3.55 -27.06 27.81
N PHE A 1083 2.71 -27.43 28.77
CA PHE A 1083 2.20 -28.80 28.90
C PHE A 1083 3.34 -29.80 29.13
N ARG A 1084 3.96 -29.67 30.30
CA ARG A 1084 5.01 -30.59 30.73
C ARG A 1084 4.35 -31.93 31.06
N ASP A 1085 4.32 -32.83 30.07
CA ASP A 1085 3.70 -34.15 30.22
C ASP A 1085 2.27 -34.04 30.73
N LEU A 1086 1.49 -33.16 30.10
CA LEU A 1086 0.11 -32.94 30.52
C LEU A 1086 -0.74 -34.18 30.31
N SER A 1087 -1.64 -34.43 31.25
CA SER A 1087 -2.55 -35.57 31.20
C SER A 1087 -3.93 -35.10 31.65
N LEU A 1088 -4.94 -35.36 30.82
CA LEU A 1088 -6.31 -34.89 31.07
C LEU A 1088 -7.27 -36.05 30.87
N ARG A 1089 -8.27 -36.13 31.74
CA ARG A 1089 -9.27 -37.20 31.72
C ARG A 1089 -10.66 -36.60 31.76
N ALA A 1090 -11.54 -37.04 30.86
CA ALA A 1090 -12.95 -36.66 30.92
C ALA A 1090 -13.81 -37.77 30.35
N ARG A 1091 -14.56 -38.46 31.21
CA ARG A 1091 -15.36 -39.58 30.72
C ARG A 1091 -16.79 -39.11 30.42
N ALA A 1092 -17.64 -40.08 30.08
CA ALA A 1092 -18.95 -39.76 29.51
C ALA A 1092 -19.83 -39.00 30.47
N GLY A 1093 -20.47 -37.95 29.96
CA GLY A 1093 -21.58 -37.29 30.62
C GLY A 1093 -21.34 -36.58 31.93
N LYS A 1094 -20.28 -35.77 32.02
CA LYS A 1094 -20.10 -34.91 33.19
C LYS A 1094 -19.24 -33.72 32.79
N THR A 1095 -19.52 -32.57 33.39
CA THR A 1095 -18.83 -31.34 33.07
C THR A 1095 -17.49 -31.28 33.79
N LEU A 1096 -16.43 -31.01 33.03
CA LEU A 1096 -15.08 -30.87 33.56
C LEU A 1096 -14.77 -29.38 33.70
N ALA A 1097 -14.50 -28.94 34.93
CA ALA A 1097 -14.41 -27.52 35.26
C ALA A 1097 -12.99 -27.09 35.63
N LEU A 1098 -11.97 -27.68 35.02
CA LEU A 1098 -10.61 -27.24 35.25
C LEU A 1098 -10.45 -25.78 34.83
N VAL A 1099 -9.77 -24.98 35.65
CA VAL A 1099 -9.68 -23.55 35.41
C VAL A 1099 -8.24 -23.09 35.24
N GLY A 1100 -7.37 -23.48 36.17
CA GLY A 1100 -5.98 -23.04 36.13
C GLY A 1100 -5.84 -21.56 36.42
N PRO A 1101 -4.62 -21.05 36.34
CA PRO A 1101 -4.41 -19.62 36.53
C PRO A 1101 -4.71 -18.84 35.26
N SER A 1102 -5.17 -17.60 35.46
CA SER A 1102 -5.45 -16.73 34.32
C SER A 1102 -4.16 -16.32 33.62
N GLY A 1103 -4.19 -16.31 32.29
CA GLY A 1103 -3.04 -15.93 31.50
C GLY A 1103 -2.08 -17.04 31.18
N CYS A 1104 -2.30 -18.25 31.71
CA CYS A 1104 -1.44 -19.40 31.45
C CYS A 1104 -2.27 -20.55 30.90
N GLY A 1105 -1.91 -21.04 29.73
CA GLY A 1105 -2.61 -22.15 29.11
C GLY A 1105 -4.04 -21.81 28.73
N LYS A 1106 -5.00 -22.34 29.49
CA LYS A 1106 -6.42 -22.10 29.30
C LYS A 1106 -6.90 -22.57 27.92
N SER A 1107 -7.26 -21.62 27.05
CA SER A 1107 -7.87 -21.95 25.78
C SER A 1107 -6.97 -22.84 24.93
N SER A 1108 -5.66 -22.77 25.18
CA SER A 1108 -4.72 -23.61 24.43
C SER A 1108 -5.09 -25.08 24.55
N VAL A 1109 -5.56 -25.51 25.73
CA VAL A 1109 -6.00 -26.89 25.89
C VAL A 1109 -7.06 -27.23 24.85
N ILE A 1110 -8.06 -26.35 24.71
CA ILE A 1110 -9.09 -26.56 23.70
C ILE A 1110 -8.48 -26.63 22.31
N SER A 1111 -7.51 -25.75 22.04
CA SER A 1111 -6.88 -25.74 20.73
C SER A 1111 -6.22 -27.08 20.42
N LEU A 1112 -5.90 -27.86 21.46
CA LEU A 1112 -5.31 -29.17 21.24
C LEU A 1112 -6.35 -30.18 20.79
N ILE A 1113 -7.55 -30.12 21.37
CA ILE A 1113 -8.50 -31.20 21.15
C ILE A 1113 -9.20 -31.06 19.80
N GLN A 1114 -9.33 -29.83 19.30
CA GLN A 1114 -9.74 -29.65 17.91
C GLN A 1114 -8.65 -30.06 16.94
N ARG A 1115 -7.46 -30.37 17.45
CA ARG A 1115 -6.26 -30.62 16.65
C ARG A 1115 -5.96 -29.43 15.74
N PHE A 1116 -6.19 -28.22 16.24
CA PHE A 1116 -5.67 -27.04 15.55
C PHE A 1116 -4.15 -27.07 15.51
N TYR A 1117 -3.54 -27.52 16.60
CA TYR A 1117 -2.10 -27.64 16.73
C TYR A 1117 -1.73 -29.11 16.84
N GLU A 1118 -0.44 -29.40 16.91
CA GLU A 1118 0.06 -30.77 17.02
C GLU A 1118 1.04 -30.86 18.17
N PRO A 1119 0.77 -31.68 19.18
CA PRO A 1119 1.75 -31.86 20.26
C PRO A 1119 3.00 -32.55 19.76
N SER A 1120 4.13 -32.20 20.38
CA SER A 1120 5.40 -32.81 19.99
C SER A 1120 5.40 -34.31 20.27
N SER A 1121 4.87 -34.71 21.42
CA SER A 1121 4.79 -36.13 21.76
C SER A 1121 3.47 -36.49 22.44
N GLY A 1122 2.46 -35.62 22.39
CA GLY A 1122 1.20 -35.87 23.06
C GLY A 1122 0.34 -36.93 22.40
N ARG A 1123 -0.54 -37.57 23.18
CA ARG A 1123 -1.44 -38.59 22.65
C ARG A 1123 -2.88 -38.23 22.98
N VAL A 1124 -3.66 -37.96 21.95
CA VAL A 1124 -5.08 -37.69 22.06
C VAL A 1124 -5.80 -39.03 21.98
N MET A 1125 -6.66 -39.31 22.95
CA MET A 1125 -7.19 -40.64 23.19
C MET A 1125 -8.69 -40.52 23.42
N ILE A 1126 -9.40 -39.93 22.45
CA ILE A 1126 -10.85 -39.84 22.54
C ILE A 1126 -11.48 -41.19 22.22
N ASP A 1127 -12.51 -41.54 23.00
CA ASP A 1127 -13.41 -42.66 22.69
C ASP A 1127 -12.65 -43.92 22.31
N GLY A 1128 -11.51 -44.14 22.95
CA GLY A 1128 -10.69 -45.29 22.64
C GLY A 1128 -10.16 -45.30 21.22
N LYS A 1129 -9.76 -44.14 20.71
CA LYS A 1129 -9.17 -44.02 19.38
C LYS A 1129 -8.35 -42.75 19.30
N ASP A 1130 -7.52 -42.66 18.25
CA ASP A 1130 -6.57 -41.56 18.12
C ASP A 1130 -7.04 -40.61 17.02
N ILE A 1131 -7.08 -39.31 17.33
CA ILE A 1131 -7.44 -38.31 16.34
C ILE A 1131 -6.36 -38.15 15.28
N ARG A 1132 -5.08 -38.24 15.67
CA ARG A 1132 -4.00 -37.97 14.73
C ARG A 1132 -4.01 -38.94 13.55
N LYS A 1133 -4.66 -40.08 13.72
CA LYS A 1133 -4.89 -41.03 12.63
C LYS A 1133 -6.34 -41.03 12.16
N TYR A 1134 -7.10 -40.00 12.46
CA TYR A 1134 -8.54 -40.00 12.22
C TYR A 1134 -8.95 -38.77 11.41
N ASN A 1135 -10.12 -38.87 10.77
CA ASN A 1135 -10.64 -37.78 9.95
C ASN A 1135 -11.03 -36.60 10.82
N LEU A 1136 -10.57 -35.41 10.43
CA LEU A 1136 -10.80 -34.21 11.24
C LEU A 1136 -12.24 -33.70 11.07
N LYS A 1137 -12.78 -33.80 9.86
CA LYS A 1137 -14.12 -33.30 9.60
C LYS A 1137 -15.17 -34.05 10.42
N ALA A 1138 -15.01 -35.37 10.53
CA ALA A 1138 -15.98 -36.17 11.28
C ALA A 1138 -16.02 -35.76 12.75
N ILE A 1139 -14.85 -35.53 13.35
CA ILE A 1139 -14.80 -35.08 14.74
C ILE A 1139 -15.38 -33.69 14.87
N ARG A 1140 -14.95 -32.75 14.02
CA ARG A 1140 -15.44 -31.38 14.12
C ARG A 1140 -16.94 -31.31 13.90
N LYS A 1141 -17.51 -32.33 13.25
CA LYS A 1141 -18.96 -32.41 13.13
C LYS A 1141 -19.63 -32.68 14.47
N HIS A 1142 -18.87 -33.07 15.49
CA HIS A 1142 -19.44 -33.53 16.76
C HIS A 1142 -18.93 -32.72 17.96
N ILE A 1143 -18.27 -31.60 17.76
CA ILE A 1143 -17.71 -30.79 18.84
C ILE A 1143 -18.23 -29.37 18.71
N ALA A 1144 -18.52 -28.74 19.86
CA ALA A 1144 -19.01 -27.37 19.90
C ALA A 1144 -17.97 -26.47 20.58
N ILE A 1145 -17.83 -25.24 20.08
CA ILE A 1145 -16.80 -24.31 20.53
C ILE A 1145 -17.42 -22.94 20.76
N VAL A 1146 -17.13 -22.35 21.93
CA VAL A 1146 -17.46 -20.97 22.24
C VAL A 1146 -16.22 -20.26 22.80
N PRO A 1147 -15.39 -19.66 21.96
CA PRO A 1147 -14.21 -18.96 22.45
C PRO A 1147 -14.58 -17.71 23.23
N GLN A 1148 -13.65 -17.28 24.10
CA GLN A 1148 -13.92 -16.10 24.92
C GLN A 1148 -14.09 -14.85 24.07
N GLU A 1149 -13.29 -14.70 23.02
CA GLU A 1149 -13.54 -13.64 22.07
C GLU A 1149 -14.86 -13.90 21.37
N PRO A 1150 -15.78 -12.92 21.34
CA PRO A 1150 -17.05 -13.14 20.63
C PRO A 1150 -16.84 -13.32 19.14
N CYS A 1151 -17.71 -14.13 18.53
CA CYS A 1151 -17.62 -14.44 17.11
C CYS A 1151 -18.86 -13.90 16.40
N LEU A 1152 -18.65 -13.08 15.38
CA LEU A 1152 -19.73 -12.50 14.59
C LEU A 1152 -19.50 -12.75 13.12
N PHE A 1153 -20.56 -13.11 12.40
CA PHE A 1153 -20.52 -13.36 10.98
C PHE A 1153 -21.58 -12.54 10.26
N GLY A 1154 -21.28 -12.18 9.01
CA GLY A 1154 -22.25 -11.64 8.08
C GLY A 1154 -22.93 -10.39 8.58
N THR A 1155 -24.22 -10.28 8.24
CA THR A 1155 -25.02 -9.11 8.57
C THR A 1155 -26.29 -9.44 9.36
N THR A 1156 -26.69 -10.72 9.43
CA THR A 1156 -27.90 -11.12 10.13
C THR A 1156 -27.54 -12.08 11.26
N ILE A 1157 -28.15 -11.86 12.42
CA ILE A 1157 -27.88 -12.72 13.57
C ILE A 1157 -28.47 -14.10 13.37
N TYR A 1158 -29.52 -14.21 12.54
CA TYR A 1158 -30.14 -15.50 12.27
C TYR A 1158 -29.11 -16.52 11.81
N GLU A 1159 -28.31 -16.17 10.81
CA GLU A 1159 -27.28 -17.09 10.36
C GLU A 1159 -26.17 -17.23 11.39
N ASN A 1160 -25.99 -16.23 12.26
CA ASN A 1160 -25.00 -16.37 13.33
C ASN A 1160 -25.36 -17.54 14.25
N ILE A 1161 -26.63 -17.65 14.63
CA ILE A 1161 -27.04 -18.84 15.37
C ILE A 1161 -27.03 -20.08 14.47
N ALA A 1162 -27.50 -19.94 13.23
CA ALA A 1162 -27.63 -21.09 12.35
C ALA A 1162 -26.30 -21.74 11.99
N TYR A 1163 -25.19 -21.01 12.15
CA TYR A 1163 -23.89 -21.51 11.73
C TYR A 1163 -23.50 -22.80 12.44
N GLY A 1164 -24.07 -23.09 13.60
CA GLY A 1164 -23.71 -24.29 14.33
C GLY A 1164 -24.05 -25.56 13.58
N HIS A 1165 -25.23 -25.61 12.95
CA HIS A 1165 -25.68 -26.76 12.21
C HIS A 1165 -25.85 -26.40 10.74
N GLU A 1166 -25.47 -27.33 9.86
CA GLU A 1166 -25.50 -27.06 8.43
C GLU A 1166 -26.92 -26.84 7.91
N CYS A 1167 -27.90 -27.59 8.42
CA CYS A 1167 -29.27 -27.54 7.94
C CYS A 1167 -30.23 -27.28 9.09
N ALA A 1168 -29.88 -26.31 9.94
CA ALA A 1168 -30.72 -25.95 11.07
C ALA A 1168 -31.97 -25.23 10.60
N THR A 1169 -33.13 -25.69 11.06
CA THR A 1169 -34.40 -25.07 10.72
C THR A 1169 -34.73 -23.93 11.67
N GLU A 1170 -35.89 -23.32 11.45
CA GLU A 1170 -36.35 -22.25 12.33
C GLU A 1170 -36.60 -22.76 13.75
N ALA A 1171 -37.20 -23.95 13.87
CA ALA A 1171 -37.52 -24.47 15.20
C ALA A 1171 -36.27 -24.70 16.02
N GLU A 1172 -35.21 -25.23 15.39
CA GLU A 1172 -33.96 -25.44 16.12
C GLU A 1172 -33.38 -24.12 16.61
N ILE A 1173 -33.43 -23.08 15.79
CA ILE A 1173 -32.91 -21.78 16.19
C ILE A 1173 -33.73 -21.24 17.36
N ILE A 1174 -35.06 -21.34 17.29
CA ILE A 1174 -35.90 -20.87 18.37
C ILE A 1174 -35.58 -21.61 19.67
N GLN A 1175 -35.45 -22.94 19.58
CA GLN A 1175 -35.20 -23.74 20.77
C GLN A 1175 -33.85 -23.41 21.38
N ALA A 1176 -32.82 -23.25 20.54
CA ALA A 1176 -31.50 -22.92 21.05
C ALA A 1176 -31.46 -21.53 21.66
N ALA A 1177 -32.20 -20.58 21.08
CA ALA A 1177 -32.31 -19.26 21.69
C ALA A 1177 -32.98 -19.34 23.05
N THR A 1178 -34.02 -20.16 23.17
CA THR A 1178 -34.68 -20.33 24.46
C THR A 1178 -33.77 -20.96 25.49
N LEU A 1179 -32.98 -21.96 25.09
CA LEU A 1179 -32.07 -22.61 26.03
C LEU A 1179 -31.02 -21.64 26.54
N ALA A 1180 -30.51 -20.77 25.65
CA ALA A 1180 -29.51 -19.79 26.04
C ALA A 1180 -30.12 -18.48 26.53
N SER A 1181 -31.45 -18.44 26.66
CA SER A 1181 -32.17 -17.22 27.05
C SER A 1181 -31.86 -16.07 26.10
N ALA A 1182 -31.64 -16.39 24.82
CA ALA A 1182 -31.29 -15.40 23.82
C ALA A 1182 -32.49 -14.82 23.10
N HIS A 1183 -33.68 -15.38 23.32
CA HIS A 1183 -34.86 -14.94 22.56
C HIS A 1183 -35.35 -13.57 22.99
N LYS A 1184 -35.22 -13.25 24.28
CA LYS A 1184 -35.84 -12.03 24.80
C LYS A 1184 -35.24 -10.78 24.18
N PHE A 1185 -33.91 -10.64 24.23
CA PHE A 1185 -33.32 -9.39 23.75
C PHE A 1185 -33.37 -9.32 22.23
N ILE A 1186 -33.24 -10.45 21.55
CA ILE A 1186 -33.30 -10.44 20.09
C ILE A 1186 -34.71 -10.10 19.62
N SER A 1187 -35.73 -10.49 20.40
CA SER A 1187 -37.08 -10.03 20.11
C SER A 1187 -37.23 -8.54 20.45
N ALA A 1188 -36.49 -8.07 21.46
CA ALA A 1188 -36.51 -6.65 21.79
C ALA A 1188 -35.92 -5.80 20.68
N LEU A 1189 -35.00 -6.35 19.89
CA LEU A 1189 -34.46 -5.62 18.76
C LEU A 1189 -35.54 -5.40 17.71
N PRO A 1190 -35.52 -4.25 17.02
CA PRO A 1190 -36.56 -3.96 16.03
C PRO A 1190 -36.61 -4.95 14.89
N GLU A 1191 -35.48 -5.14 14.20
CA GLU A 1191 -35.42 -6.07 13.09
C GLU A 1191 -35.33 -7.53 13.53
N GLY A 1192 -35.02 -7.77 14.80
CA GLY A 1192 -34.95 -9.13 15.31
C GLY A 1192 -33.85 -9.97 14.70
N TYR A 1193 -34.22 -11.11 14.12
CA TYR A 1193 -33.23 -12.03 13.58
C TYR A 1193 -32.50 -11.48 12.37
N LYS A 1194 -33.04 -10.45 11.73
CA LYS A 1194 -32.43 -9.84 10.56
C LYS A 1194 -31.78 -8.50 10.87
N THR A 1195 -31.48 -8.23 12.14
CA THR A 1195 -30.88 -6.96 12.53
C THR A 1195 -29.48 -6.84 11.94
N TYR A 1196 -29.17 -5.64 11.43
CA TYR A 1196 -27.86 -5.36 10.85
C TYR A 1196 -26.78 -5.50 11.92
N VAL A 1197 -25.95 -6.54 11.81
CA VAL A 1197 -24.97 -6.86 12.83
C VAL A 1197 -23.61 -7.03 12.17
N GLY A 1198 -22.56 -6.86 12.96
CA GLY A 1198 -21.20 -6.98 12.51
C GLY A 1198 -20.37 -5.82 13.02
N GLU A 1199 -19.21 -5.62 12.39
CA GLU A 1199 -18.36 -4.49 12.75
C GLU A 1199 -19.07 -3.16 12.49
N ARG A 1200 -19.76 -3.06 11.36
CA ARG A 1200 -20.57 -1.89 11.04
C ARG A 1200 -21.97 -1.97 11.64
N GLY A 1201 -22.31 -3.10 12.26
CA GLY A 1201 -23.64 -3.30 12.81
C GLY A 1201 -23.96 -2.46 14.03
N VAL A 1202 -24.99 -2.86 14.77
CA VAL A 1202 -25.45 -2.10 15.93
C VAL A 1202 -24.40 -2.06 17.04
N GLN A 1203 -23.47 -3.03 17.05
CA GLN A 1203 -22.46 -3.17 18.09
C GLN A 1203 -23.14 -3.32 19.47
N LEU A 1204 -23.88 -4.42 19.59
CA LEU A 1204 -24.66 -4.69 20.79
C LEU A 1204 -23.74 -5.13 21.93
N SER A 1205 -24.35 -5.41 23.09
CA SER A 1205 -23.60 -5.70 24.30
C SER A 1205 -22.86 -7.03 24.18
N GLY A 1206 -21.78 -7.15 24.97
CA GLY A 1206 -21.00 -8.37 24.94
C GLY A 1206 -21.76 -9.58 25.41
N GLY A 1207 -22.60 -9.42 26.44
CA GLY A 1207 -23.36 -10.54 26.95
C GLY A 1207 -24.34 -11.10 25.94
N GLN A 1208 -25.01 -10.22 25.20
CA GLN A 1208 -25.97 -10.68 24.20
C GLN A 1208 -25.28 -11.47 23.09
N LYS A 1209 -24.13 -10.99 22.61
CA LYS A 1209 -23.41 -11.70 21.56
C LYS A 1209 -22.80 -13.00 22.08
N GLN A 1210 -22.43 -13.04 23.36
CA GLN A 1210 -22.01 -14.30 23.96
C GLN A 1210 -23.17 -15.29 24.03
N ARG A 1211 -24.37 -14.78 24.33
CA ARG A 1211 -25.57 -15.63 24.28
C ARG A 1211 -25.78 -16.16 22.87
N ILE A 1212 -25.54 -15.32 21.86
CA ILE A 1212 -25.65 -15.76 20.47
C ILE A 1212 -24.67 -16.89 20.19
N ALA A 1213 -23.42 -16.74 20.65
CA ALA A 1213 -22.41 -17.76 20.42
C ALA A 1213 -22.79 -19.08 21.09
N ILE A 1214 -23.24 -19.02 22.34
CA ILE A 1214 -23.61 -20.26 23.02
C ILE A 1214 -24.86 -20.87 22.38
N ALA A 1215 -25.77 -20.04 21.87
CA ALA A 1215 -26.92 -20.57 21.14
C ALA A 1215 -26.47 -21.30 19.88
N ARG A 1216 -25.47 -20.75 19.19
CA ARG A 1216 -24.91 -21.44 18.04
C ARG A 1216 -24.32 -22.79 18.45
N ALA A 1217 -23.61 -22.81 19.58
CA ALA A 1217 -23.05 -24.06 20.07
C ALA A 1217 -24.14 -25.10 20.33
N LEU A 1218 -25.25 -24.67 20.95
CA LEU A 1218 -26.36 -25.59 21.15
C LEU A 1218 -26.97 -26.04 19.83
N VAL A 1219 -27.03 -25.16 18.84
CA VAL A 1219 -27.51 -25.56 17.51
C VAL A 1219 -26.65 -26.67 16.95
N ARG A 1220 -25.33 -26.58 17.15
CA ARG A 1220 -24.46 -27.68 16.74
C ARG A 1220 -24.87 -28.99 17.40
N LYS A 1221 -25.37 -28.92 18.63
CA LYS A 1221 -25.89 -30.09 19.35
C LYS A 1221 -24.82 -31.18 19.46
N ALA A 1222 -23.62 -30.78 19.87
CA ALA A 1222 -22.50 -31.70 19.92
C ALA A 1222 -22.58 -32.60 21.14
N GLU A 1223 -22.11 -33.83 21.01
CA GLU A 1223 -21.99 -34.72 22.15
C GLU A 1223 -20.91 -34.26 23.11
N ILE A 1224 -19.93 -33.52 22.60
CA ILE A 1224 -18.87 -32.93 23.41
C ILE A 1224 -18.88 -31.42 23.16
N MET A 1225 -19.10 -30.65 24.22
CA MET A 1225 -19.10 -29.20 24.14
C MET A 1225 -17.97 -28.64 24.98
N LEU A 1226 -17.24 -27.69 24.42
CA LEU A 1226 -16.10 -27.08 25.08
C LEU A 1226 -16.37 -25.59 25.29
N LEU A 1227 -16.10 -25.13 26.51
CA LEU A 1227 -16.41 -23.78 26.93
C LEU A 1227 -15.11 -22.98 27.01
N ASP A 1228 -15.23 -21.74 27.47
CA ASP A 1228 -14.07 -20.86 27.60
C ASP A 1228 -14.41 -19.79 28.62
N GLU A 1229 -13.59 -18.74 28.70
CA GLU A 1229 -13.82 -17.64 29.64
C GLU A 1229 -15.17 -17.00 29.34
N ALA A 1230 -16.07 -17.02 30.33
CA ALA A 1230 -17.45 -16.59 30.13
C ALA A 1230 -17.83 -15.39 30.96
N THR A 1231 -16.94 -14.87 31.80
CA THR A 1231 -17.25 -13.81 32.75
C THR A 1231 -16.26 -12.66 32.63
N SER A 1232 -16.01 -12.23 31.39
CA SER A 1232 -15.04 -11.16 31.16
C SER A 1232 -15.54 -9.82 31.71
N ALA A 1233 -16.66 -9.32 31.19
CA ALA A 1233 -17.19 -8.05 31.65
C ALA A 1233 -18.70 -8.04 31.39
N LEU A 1234 -19.47 -8.32 32.44
CA LEU A 1234 -20.93 -8.35 32.36
C LEU A 1234 -21.52 -7.79 33.63
N ASP A 1235 -22.74 -7.27 33.55
CA ASP A 1235 -23.44 -6.78 34.72
C ASP A 1235 -24.17 -7.92 35.41
N ALA A 1236 -24.86 -7.61 36.51
CA ALA A 1236 -25.43 -8.65 37.36
C ALA A 1236 -26.47 -9.49 36.61
N GLU A 1237 -27.43 -8.82 35.95
CA GLU A 1237 -28.48 -9.54 35.25
C GLU A 1237 -27.90 -10.39 34.11
N SER A 1238 -27.02 -9.79 33.31
CA SER A 1238 -26.40 -10.52 32.22
C SER A 1238 -25.53 -11.66 32.73
N GLU A 1239 -24.79 -11.41 33.83
CA GLU A 1239 -23.98 -12.47 34.41
C GLU A 1239 -24.84 -13.66 34.83
N ARG A 1240 -25.93 -13.39 35.54
CA ARG A 1240 -26.81 -14.47 35.99
C ARG A 1240 -27.43 -15.21 34.81
N SER A 1241 -27.88 -14.47 33.79
CA SER A 1241 -28.51 -15.11 32.64
C SER A 1241 -27.52 -15.99 31.88
N VAL A 1242 -26.30 -15.49 31.65
CA VAL A 1242 -25.34 -16.29 30.92
C VAL A 1242 -24.88 -17.48 31.76
N GLN A 1243 -24.81 -17.33 33.08
CA GLN A 1243 -24.46 -18.48 33.92
C GLN A 1243 -25.54 -19.55 33.87
N GLU A 1244 -26.81 -19.14 33.89
CA GLU A 1244 -27.89 -20.10 33.75
C GLU A 1244 -27.84 -20.78 32.38
N ALA A 1245 -27.52 -20.02 31.34
CA ALA A 1245 -27.38 -20.61 30.00
C ALA A 1245 -26.24 -21.63 29.98
N LEU A 1246 -25.11 -21.30 30.61
CA LEU A 1246 -24.00 -22.24 30.69
C LEU A 1246 -24.39 -23.51 31.41
N ASP A 1247 -25.10 -23.38 32.53
CA ASP A 1247 -25.55 -24.55 33.29
C ASP A 1247 -26.49 -25.41 32.47
N GLN A 1248 -27.41 -24.77 31.73
CA GLN A 1248 -28.31 -25.53 30.87
C GLN A 1248 -27.55 -26.24 29.76
N ALA A 1249 -26.57 -25.57 29.15
CA ALA A 1249 -25.82 -26.15 28.05
C ALA A 1249 -24.98 -27.34 28.52
N CYS A 1250 -24.28 -27.20 29.65
CA CYS A 1250 -23.42 -28.27 30.13
C CYS A 1250 -24.23 -29.49 30.57
N SER A 1251 -25.46 -29.29 31.01
CA SER A 1251 -26.30 -30.39 31.46
C SER A 1251 -26.68 -31.29 30.29
N GLY A 1252 -26.67 -32.60 30.53
CA GLY A 1252 -27.11 -33.56 29.54
C GLY A 1252 -26.05 -34.54 29.10
N ARG A 1253 -24.82 -34.08 28.90
CA ARG A 1253 -23.74 -34.93 28.41
C ARG A 1253 -22.41 -34.22 28.66
N THR A 1254 -21.34 -34.85 28.18
CA THR A 1254 -19.98 -34.41 28.51
C THR A 1254 -19.72 -33.00 28.01
N SER A 1255 -19.07 -32.20 28.86
CA SER A 1255 -18.69 -30.83 28.51
C SER A 1255 -17.44 -30.45 29.29
N ILE A 1256 -16.63 -29.58 28.69
CA ILE A 1256 -15.41 -29.06 29.32
C ILE A 1256 -15.56 -27.55 29.44
N VAL A 1257 -15.38 -27.02 30.65
CA VAL A 1257 -15.48 -25.59 30.91
C VAL A 1257 -14.24 -25.15 31.68
N VAL A 1258 -13.78 -23.93 31.37
CA VAL A 1258 -12.63 -23.38 32.08
C VAL A 1258 -13.03 -22.13 32.85
N ALA A 1259 -13.45 -21.07 32.14
CA ALA A 1259 -13.90 -19.82 32.75
C ALA A 1259 -12.88 -19.25 33.71
N HIS A 1260 -13.29 -18.28 34.54
CA HIS A 1260 -12.47 -17.84 35.67
C HIS A 1260 -13.32 -17.53 36.89
N ARG A 1261 -14.59 -17.89 36.90
CA ARG A 1261 -15.49 -17.50 37.97
C ARG A 1261 -15.13 -18.22 39.27
N LEU A 1262 -15.59 -17.65 40.39
CA LEU A 1262 -15.17 -18.11 41.71
C LEU A 1262 -15.68 -19.51 42.01
N SER A 1263 -17.00 -19.67 42.08
CA SER A 1263 -17.60 -20.91 42.56
C SER A 1263 -18.96 -21.08 41.88
N THR A 1264 -19.80 -21.94 42.45
CA THR A 1264 -21.13 -22.22 41.92
C THR A 1264 -21.06 -22.66 40.45
N ILE A 1265 -20.16 -23.61 40.20
CA ILE A 1265 -19.96 -24.13 38.85
C ILE A 1265 -20.84 -25.35 38.65
N ARG A 1266 -21.78 -25.57 39.58
CA ARG A 1266 -22.71 -26.69 39.53
C ARG A 1266 -21.98 -28.02 39.45
N ASN A 1267 -21.84 -28.56 38.25
CA ASN A 1267 -21.12 -29.81 38.05
C ASN A 1267 -19.65 -29.61 38.38
N ALA A 1268 -19.21 -30.21 39.47
CA ALA A 1268 -17.86 -30.01 40.02
C ALA A 1268 -17.19 -31.35 40.31
N HIS A 1269 -17.21 -32.25 39.32
CA HIS A 1269 -16.61 -33.57 39.46
C HIS A 1269 -15.15 -33.46 39.88
N VAL A 1270 -14.31 -32.93 38.99
CA VAL A 1270 -12.91 -32.67 39.27
C VAL A 1270 -12.51 -31.35 38.61
N ILE A 1271 -11.73 -30.56 39.33
CA ILE A 1271 -11.26 -29.26 38.84
C ILE A 1271 -9.73 -29.28 38.91
N ALA A 1272 -9.08 -29.07 37.77
CA ALA A 1272 -7.64 -29.11 37.67
C ALA A 1272 -7.08 -27.72 37.42
N VAL A 1273 -5.97 -27.41 38.08
CA VAL A 1273 -5.26 -26.14 37.91
C VAL A 1273 -3.88 -26.48 37.36
N ILE A 1274 -3.57 -25.94 36.18
CA ILE A 1274 -2.27 -26.20 35.58
C ILE A 1274 -1.20 -25.36 36.28
N ASP A 1275 0.01 -25.91 36.37
CA ASP A 1275 1.15 -25.25 36.99
C ASP A 1275 2.31 -25.27 35.99
N ASP A 1276 2.41 -24.21 35.19
CA ASP A 1276 3.44 -24.08 34.17
C ASP A 1276 3.43 -25.26 33.20
N GLY A 1277 2.24 -25.80 32.93
CA GLY A 1277 2.07 -26.91 32.01
C GLY A 1277 2.07 -28.28 32.65
N LYS A 1278 2.56 -28.41 33.87
CA LYS A 1278 2.59 -29.71 34.51
C LYS A 1278 1.22 -30.06 35.09
N VAL A 1279 1.00 -31.35 35.34
CA VAL A 1279 -0.24 -31.81 35.94
C VAL A 1279 -0.18 -31.58 37.45
N ALA A 1280 -1.26 -31.04 38.00
CA ALA A 1280 -1.37 -30.79 39.43
C ALA A 1280 -2.59 -31.53 39.98
N GLU A 1281 -2.80 -31.41 41.29
CA GLU A 1281 -3.92 -32.07 41.93
C GLU A 1281 -5.25 -31.53 41.38
N GLN A 1282 -6.16 -32.45 41.06
CA GLN A 1282 -7.47 -32.08 40.54
C GLN A 1282 -8.47 -31.98 41.70
N GLY A 1283 -8.22 -30.99 42.55
CA GLY A 1283 -9.08 -30.77 43.70
C GLY A 1283 -10.47 -30.35 43.27
N SER A 1284 -11.48 -31.06 43.78
CA SER A 1284 -12.87 -30.74 43.46
C SER A 1284 -13.37 -29.58 44.34
N HIS A 1285 -14.47 -28.99 43.91
CA HIS A 1285 -15.07 -27.88 44.65
C HIS A 1285 -15.70 -28.32 45.97
N SER A 1286 -15.92 -29.62 46.17
CA SER A 1286 -16.51 -30.09 47.42
C SER A 1286 -15.57 -29.92 48.60
N HIS A 1287 -14.29 -29.63 48.36
CA HIS A 1287 -13.28 -29.46 49.41
C HIS A 1287 -13.17 -30.73 50.27
N LEU A 1288 -12.92 -31.86 49.60
CA LEU A 1288 -12.75 -33.12 50.30
C LEU A 1288 -11.52 -33.09 51.19
N LEU A 1289 -10.38 -32.64 50.64
CA LEU A 1289 -9.14 -32.51 51.39
C LEU A 1289 -8.52 -31.15 51.06
N LYS A 1290 -8.02 -30.48 52.10
CA LYS A 1290 -7.55 -29.09 51.96
C LYS A 1290 -6.03 -29.07 51.74
N ASN A 1291 -5.64 -29.50 50.55
CA ASN A 1291 -4.26 -29.36 50.10
C ASN A 1291 -4.14 -28.49 48.86
N HIS A 1292 -4.90 -28.78 47.82
CA HIS A 1292 -4.93 -27.98 46.60
C HIS A 1292 -5.81 -26.75 46.73
N PRO A 1293 -7.05 -26.85 47.27
CA PRO A 1293 -7.87 -25.64 47.38
C PRO A 1293 -7.23 -24.56 48.25
N ASP A 1294 -6.49 -24.94 49.29
CA ASP A 1294 -5.79 -23.96 50.10
C ASP A 1294 -4.54 -23.43 49.41
N GLY A 1295 -4.07 -24.13 48.38
CA GLY A 1295 -2.82 -23.74 47.73
C GLY A 1295 -3.01 -22.62 46.72
N ILE A 1296 -3.88 -22.83 45.74
CA ILE A 1296 -4.05 -21.88 44.64
C ILE A 1296 -5.48 -21.37 44.61
N TYR A 1297 -6.41 -22.16 45.12
CA TYR A 1297 -7.84 -21.87 45.05
C TYR A 1297 -8.33 -21.06 46.25
N ALA A 1298 -7.46 -20.28 46.88
CA ALA A 1298 -7.80 -19.54 48.09
C ALA A 1298 -7.76 -18.03 47.91
N ARG A 1299 -6.63 -17.49 47.46
CA ARG A 1299 -6.48 -16.04 47.41
C ARG A 1299 -7.40 -15.40 46.37
N MET A 1300 -7.54 -16.03 45.20
CA MET A 1300 -8.31 -15.41 44.14
C MET A 1300 -9.80 -15.37 44.47
N ILE A 1301 -10.28 -16.34 45.25
CA ILE A 1301 -11.68 -16.31 45.67
C ILE A 1301 -11.93 -15.11 46.59
N GLN A 1302 -11.03 -14.89 47.56
CA GLN A 1302 -11.19 -13.75 48.46
C GLN A 1302 -11.05 -12.43 47.71
N LEU A 1303 -10.12 -12.37 46.74
CA LEU A 1303 -9.92 -11.13 45.99
C LEU A 1303 -11.12 -10.82 45.09
N GLN A 1304 -11.69 -11.84 44.46
CA GLN A 1304 -12.77 -11.64 43.50
C GLN A 1304 -14.13 -11.45 44.16
N ARG A 1305 -14.27 -11.77 45.44
CA ARG A 1305 -15.56 -11.64 46.12
C ARG A 1305 -15.78 -10.20 46.58
#